data_3D7G
#
_entry.id   3D7G
#
_cell.length_a   101.790
_cell.length_b   129.694
_cell.length_c   159.299
_cell.angle_alpha   90.00
_cell.angle_beta   90.00
_cell.angle_gamma   90.00
#
_symmetry.space_group_name_H-M   'I 2 2 2'
#
loop_
_entity.id
_entity.type
_entity.pdbx_description
1 polymer 'Glutamate carboxypeptidase 2'
2 branched 2-acetamido-2-deoxy-beta-D-glucopyranose-(1-4)-2-acetamido-2-deoxy-beta-D-glucopyranose
3 branched beta-D-mannopyranose-(1-4)-2-acetamido-2-deoxy-beta-D-glucopyranose-(1-4)-2-acetamido-2-deoxy-beta-D-glucopyranose
4 branched alpha-D-mannopyranose-(1-3)-beta-D-mannopyranose-(1-4)-2-acetamido-2-deoxy-beta-D-glucopyranose-(1-4)-2-acetamido-2-deoxy-beta-D-glucopyranose
5 non-polymer 2-acetamido-2-deoxy-beta-D-glucopyranose
6 non-polymer 'ZINC ION'
7 non-polymer 'CALCIUM ION'
8 non-polymer 'CHLORIDE ION'
9 non-polymer 'N-{[(1R)-1-carboxy-2-(methylsulfanyl)ethyl]carbamoyl}-L-glutamic acid'
10 water water
#
_entity_poly.entity_id   1
_entity_poly.type   'polypeptide(L)'
_entity_poly.pdbx_seq_one_letter_code
;RSKSSNEATNITPKHNMKAFLDELKAENIKKFLYNFTQIPHLAGTEQNFQLAKQIQSQWKEFGLDSVELAHYDVLLSYPN
KTHPNYISIINEDGNEIFNTSLFEPPPPGYENVSDIVPPFSAFSPQGMPEGDLVYVNYARTEDFFKLERDMKINCSGKIV
IARYGKVFRGNKVKNAQLAGAKGVILYSDPADYFAPGVKSYPDGWNLPGGGVQRGNILNLNGAGDPLTPGYPANEYAYRR
GIAEAVGLPSIPVHPIGYYDAQKLLEKMGGSAPPDSSWRGSLKVPYNVGPGFTGNFSTQKVKMHIHSTNEVTRIYNVIGT
LRGAVEPDRYVILGGHRDSWVFGGIDPQSGAAVVHEIVRSFGTLKKEGWRPRRTILFASWDAEEFGLLGSTEWAEENSRL
LQERGVAYINADSSIEGNYTLRVDCTPLMYSLVHNLTKELKSPDEGFEGKSLYESWTKKSPSPEFSGMPRISKLGSGNDF
EVFFQRLGIASGRARYTKNWETNKFSGYPLYHSVYETYELVEKFYDPMFKYHLTVAQVRGGMVFELANSIVLPFDCRDYA
VVLRKYADKIYSISMKHPQEMKTYSVSFDSLFSAVKNFTEIASKFSERLQDFDKSNPIVLRMMNDQLMFLERAFIDPLGL
PDRPFYRHVIYAPSSHNKYAGESFPGIYDALFDIESKVDPSKAWGEVKRQIYVAAFTVQAAAETLSEVA
;
_entity_poly.pdbx_strand_id   A
#
loop_
_chem_comp.id
_chem_comp.type
_chem_comp.name
_chem_comp.formula
BMA D-saccharide, beta linking beta-D-mannopyranose 'C6 H12 O6'
CA non-polymer 'CALCIUM ION' 'Ca 2'
CL non-polymer 'CHLORIDE ION' 'Cl -1'
MAN D-saccharide, alpha linking alpha-D-mannopyranose 'C6 H12 O6'
MUD non-polymer 'N-{[(1R)-1-carboxy-2-(methylsulfanyl)ethyl]carbamoyl}-L-glutamic acid' 'C10 H16 N2 O7 S'
NAG D-saccharide, beta linking 2-acetamido-2-deoxy-beta-D-glucopyranose 'C8 H15 N O6'
ZN non-polymer 'ZINC ION' 'Zn 2'
#
# COMPACT_ATOMS: atom_id res chain seq x y z
N LYS A 14 -23.10 3.09 -30.24
CA LYS A 14 -21.81 2.36 -30.28
C LYS A 14 -21.31 1.89 -28.89
N HIS A 15 -20.37 0.95 -28.92
CA HIS A 15 -19.73 0.38 -27.74
C HIS A 15 -18.29 0.85 -27.72
N ASN A 16 -18.06 1.98 -27.06
CA ASN A 16 -16.75 2.58 -26.99
C ASN A 16 -16.57 3.03 -25.55
N MET A 17 -15.50 3.76 -25.26
CA MET A 17 -15.26 4.01 -23.85
C MET A 17 -16.37 4.93 -23.32
N LYS A 18 -16.83 5.85 -24.14
CA LYS A 18 -17.91 6.75 -23.71
C LYS A 18 -19.14 5.99 -23.24
N ALA A 19 -19.56 4.95 -23.96
CA ALA A 19 -20.67 4.09 -23.58
C ALA A 19 -20.42 3.48 -22.20
N PHE A 20 -19.22 2.93 -22.04
CA PHE A 20 -18.83 2.39 -20.73
C PHE A 20 -18.90 3.44 -19.61
N LEU A 21 -18.27 4.59 -19.81
CA LEU A 21 -18.18 5.60 -18.79
C LEU A 21 -19.59 6.15 -18.45
N ASP A 22 -20.44 6.30 -19.46
CA ASP A 22 -21.77 6.93 -19.22
C ASP A 22 -22.68 6.02 -18.42
N GLU A 23 -22.41 4.73 -18.43
CA GLU A 23 -23.24 3.80 -17.76
C GLU A 23 -22.96 3.83 -16.26
N LEU A 24 -21.75 4.27 -15.87
CA LEU A 24 -21.40 4.36 -14.42
C LEU A 24 -22.30 5.40 -13.70
N LYS A 25 -22.84 5.07 -12.53
CA LYS A 25 -23.76 5.97 -11.80
C LYS A 25 -23.35 6.17 -10.35
N ALA A 26 -23.25 7.42 -9.93
CA ALA A 26 -22.96 7.77 -8.53
C ALA A 26 -23.94 7.09 -7.59
N GLU A 27 -25.21 7.04 -7.98
CA GLU A 27 -26.29 6.48 -7.15
C GLU A 27 -26.09 4.98 -6.87
N ASN A 28 -25.54 4.26 -7.86
CA ASN A 28 -25.26 2.85 -7.68
C ASN A 28 -24.11 2.64 -6.75
N ILE A 29 -23.07 3.44 -6.91
CA ILE A 29 -21.89 3.36 -6.01
C ILE A 29 -22.36 3.57 -4.54
N LYS A 30 -23.23 4.57 -4.36
CA LYS A 30 -23.79 4.85 -3.01
C LYS A 30 -24.52 3.66 -2.47
N LYS A 31 -25.42 3.08 -3.26
CA LYS A 31 -26.20 1.92 -2.83
C LYS A 31 -25.29 0.75 -2.46
N PHE A 32 -24.29 0.50 -3.30
CA PHE A 32 -23.36 -0.59 -2.97
C PHE A 32 -22.56 -0.31 -1.69
N LEU A 33 -22.08 0.91 -1.52
CA LEU A 33 -21.31 1.25 -0.32
C LEU A 33 -22.14 1.00 0.92
N TYR A 34 -23.39 1.49 0.91
CA TYR A 34 -24.30 1.20 2.01
C TYR A 34 -24.41 -0.31 2.26
N ASN A 35 -24.62 -1.09 1.21
CA ASN A 35 -24.79 -2.51 1.30
C ASN A 35 -23.58 -3.24 1.91
N PHE A 36 -22.38 -2.72 1.62
CA PHE A 36 -21.15 -3.41 2.04
C PHE A 36 -20.67 -3.02 3.43
N THR A 37 -21.39 -2.08 4.11
CA THR A 37 -20.80 -1.49 5.31
C THR A 37 -21.72 -1.55 6.54
N GLN A 38 -22.77 -2.36 6.49
CA GLN A 38 -23.72 -2.50 7.64
C GLN A 38 -23.20 -3.37 8.77
N ILE A 39 -22.32 -4.34 8.47
CA ILE A 39 -21.75 -5.21 9.50
C ILE A 39 -20.22 -5.33 9.26
N PRO A 40 -19.43 -5.73 10.28
CA PRO A 40 -17.99 -5.92 10.00
C PRO A 40 -17.73 -7.06 9.06
N HIS A 41 -16.62 -6.95 8.30
CA HIS A 41 -16.26 -8.03 7.38
C HIS A 41 -14.77 -8.38 7.58
N LEU A 42 -14.43 -8.71 8.81
CA LEU A 42 -13.06 -9.06 9.15
C LEU A 42 -12.65 -10.33 8.43
N ALA A 43 -11.39 -10.36 7.92
CA ALA A 43 -10.90 -11.52 7.21
C ALA A 43 -11.02 -12.76 8.10
N GLY A 44 -11.38 -13.86 7.49
CA GLY A 44 -11.50 -15.15 8.14
C GLY A 44 -12.76 -15.36 8.94
N THR A 45 -13.66 -14.37 8.95
CA THR A 45 -14.93 -14.51 9.63
C THR A 45 -16.09 -14.93 8.71
N GLU A 46 -17.15 -15.46 9.33
CA GLU A 46 -18.30 -15.90 8.54
C GLU A 46 -18.93 -14.77 7.71
N GLN A 47 -19.01 -13.57 8.31
CA GLN A 47 -19.62 -12.43 7.65
C GLN A 47 -18.87 -12.10 6.36
N ASN A 48 -17.55 -12.30 6.36
CA ASN A 48 -16.79 -11.94 5.17
C ASN A 48 -16.93 -13.01 4.08
N PHE A 49 -17.12 -14.28 4.47
CA PHE A 49 -17.39 -15.37 3.55
C PHE A 49 -18.76 -15.13 2.93
N GLN A 50 -19.73 -14.71 3.76
CA GLN A 50 -21.05 -14.42 3.17
C GLN A 50 -21.03 -13.29 2.14
N LEU A 51 -20.25 -12.24 2.43
CA LEU A 51 -20.15 -11.17 1.46
C LEU A 51 -19.46 -11.64 0.16
N ALA A 52 -18.40 -12.43 0.31
CA ALA A 52 -17.75 -13.11 -0.85
C ALA A 52 -18.76 -13.80 -1.76
N LYS A 53 -19.63 -14.59 -1.15
CA LYS A 53 -20.66 -15.35 -1.90
C LYS A 53 -21.66 -14.41 -2.56
N GLN A 54 -22.00 -13.33 -1.86
CA GLN A 54 -22.88 -12.31 -2.44
C GLN A 54 -22.25 -11.65 -3.67
N ILE A 55 -21.00 -11.22 -3.57
CA ILE A 55 -20.32 -10.61 -4.70
C ILE A 55 -20.20 -11.61 -5.86
N GLN A 56 -19.86 -12.83 -5.53
CA GLN A 56 -19.78 -13.89 -6.56
C GLN A 56 -21.14 -13.97 -7.31
N SER A 57 -22.23 -14.05 -6.56
CA SER A 57 -23.57 -14.13 -7.21
C SER A 57 -23.88 -12.89 -8.06
N GLN A 58 -23.58 -11.71 -7.54
CA GLN A 58 -23.88 -10.49 -8.27
C GLN A 58 -23.05 -10.32 -9.52
N TRP A 59 -21.75 -10.59 -9.41
CA TRP A 59 -20.92 -10.52 -10.62
C TRP A 59 -21.42 -11.45 -11.75
N LYS A 60 -21.95 -12.61 -11.37
CA LYS A 60 -22.57 -13.58 -12.32
C LYS A 60 -23.79 -12.93 -12.96
N GLU A 61 -24.66 -12.35 -12.12
CA GLU A 61 -25.88 -11.67 -12.62
C GLU A 61 -25.50 -10.48 -13.51
N PHE A 62 -24.45 -9.75 -13.14
CA PHE A 62 -24.02 -8.60 -13.94
C PHE A 62 -23.54 -8.99 -15.34
N GLY A 63 -23.16 -10.25 -15.53
CA GLY A 63 -22.85 -10.76 -16.87
C GLY A 63 -21.46 -11.34 -17.11
N LEU A 64 -20.63 -11.50 -16.06
CA LEU A 64 -19.27 -12.05 -16.30
C LEU A 64 -19.35 -13.48 -16.78
N ASP A 65 -18.35 -13.90 -17.57
CA ASP A 65 -18.34 -15.29 -18.07
C ASP A 65 -18.17 -16.37 -17.04
N SER A 66 -17.34 -16.12 -16.03
CA SER A 66 -17.13 -17.07 -14.97
C SER A 66 -16.80 -16.24 -13.70
N VAL A 67 -17.25 -16.74 -12.56
CA VAL A 67 -16.95 -16.09 -11.26
C VAL A 67 -16.74 -17.19 -10.24
N GLU A 68 -15.50 -17.31 -9.73
CA GLU A 68 -15.21 -18.41 -8.83
C GLU A 68 -14.64 -17.88 -7.53
N LEU A 69 -14.70 -18.67 -6.46
CA LEU A 69 -13.99 -18.31 -5.24
C LEU A 69 -12.68 -19.09 -5.25
N ALA A 70 -11.59 -18.43 -4.91
CA ALA A 70 -10.31 -19.11 -4.77
C ALA A 70 -10.00 -18.99 -3.29
N HIS A 71 -9.88 -20.11 -2.60
CA HIS A 71 -9.66 -20.03 -1.14
C HIS A 71 -8.26 -20.56 -0.76
N TYR A 72 -7.76 -20.11 0.40
CA TYR A 72 -6.44 -20.49 0.92
C TYR A 72 -6.57 -20.51 2.42
N ASP A 73 -5.68 -21.26 3.07
CA ASP A 73 -5.64 -21.32 4.55
C ASP A 73 -4.38 -20.69 5.01
N VAL A 74 -4.50 -19.48 5.58
CA VAL A 74 -3.33 -18.65 5.88
C VAL A 74 -3.27 -18.28 7.37
N LEU A 75 -2.09 -17.87 7.84
CA LEU A 75 -2.00 -17.43 9.24
C LEU A 75 -2.67 -16.08 9.44
N LEU A 76 -3.69 -16.02 10.30
CA LEU A 76 -4.33 -14.75 10.73
C LEU A 76 -4.12 -14.61 12.25
N SER A 77 -4.64 -13.52 12.81
CA SER A 77 -4.36 -13.19 14.22
C SER A 77 -5.58 -12.49 14.78
N TYR A 78 -5.99 -12.87 16.01
CA TYR A 78 -7.21 -12.30 16.56
C TYR A 78 -7.04 -12.19 18.07
N PRO A 79 -7.64 -11.15 18.66
CA PRO A 79 -7.61 -11.09 20.12
C PRO A 79 -8.36 -12.28 20.73
N ASN A 80 -8.03 -12.58 21.99
CA ASN A 80 -8.76 -13.63 22.73
C ASN A 80 -10.02 -12.98 23.33
N LYS A 81 -11.18 -13.38 22.83
CA LYS A 81 -12.47 -12.84 23.30
C LYS A 81 -12.71 -12.90 24.82
N THR A 82 -12.14 -13.89 25.49
CA THR A 82 -12.38 -14.02 26.94
C THR A 82 -11.16 -13.60 27.79
N HIS A 83 -10.20 -12.91 27.17
CA HIS A 83 -8.99 -12.53 27.85
C HIS A 83 -8.41 -11.29 27.17
N PRO A 84 -9.03 -10.13 27.39
CA PRO A 84 -8.78 -8.90 26.63
C PRO A 84 -7.40 -8.32 26.79
N ASN A 85 -6.94 -7.67 25.71
CA ASN A 85 -5.66 -7.00 25.70
C ASN A 85 -5.80 -5.64 26.39
N TYR A 86 -4.82 -5.26 27.20
CA TYR A 86 -4.83 -3.86 27.71
C TYR A 86 -3.48 -3.52 28.25
N ILE A 87 -3.27 -2.23 28.57
CA ILE A 87 -2.02 -1.77 29.15
C ILE A 87 -2.37 -1.08 30.49
N SER A 88 -1.49 -1.25 31.46
CA SER A 88 -1.64 -0.60 32.78
C SER A 88 -0.45 0.25 33.16
N ILE A 89 -0.72 1.26 34.02
CA ILE A 89 0.36 1.79 34.87
C ILE A 89 0.18 1.03 36.18
N ILE A 90 1.28 0.46 36.66
CA ILE A 90 1.27 -0.44 37.80
C ILE A 90 2.15 0.21 38.90
N ASN A 91 1.60 0.36 40.11
CA ASN A 91 2.42 0.93 41.18
C ASN A 91 3.37 -0.10 41.80
N GLU A 92 4.19 0.38 42.73
CA GLU A 92 5.18 -0.41 43.46
C GLU A 92 4.76 -1.79 44.03
N ASP A 93 3.49 -1.93 44.44
CA ASP A 93 2.98 -3.20 44.99
C ASP A 93 2.40 -4.10 43.90
N GLY A 94 2.42 -3.62 42.65
CA GLY A 94 1.78 -4.33 41.58
C GLY A 94 0.28 -4.08 41.47
N ASN A 95 -0.21 -2.98 42.03
CA ASN A 95 -1.60 -2.58 41.79
C ASN A 95 -1.67 -1.87 40.45
N GLU A 96 -2.66 -2.23 39.63
CA GLU A 96 -2.89 -1.55 38.35
C GLU A 96 -3.72 -0.32 38.60
N ILE A 97 -3.06 0.84 38.58
CA ILE A 97 -3.74 2.09 38.92
C ILE A 97 -4.41 2.80 37.76
N PHE A 98 -4.08 2.38 36.54
CA PHE A 98 -4.72 2.95 35.35
C PHE A 98 -4.73 1.83 34.32
N ASN A 99 -5.85 1.65 33.64
CA ASN A 99 -5.92 0.65 32.57
C ASN A 99 -6.38 1.33 31.31
N THR A 100 -5.79 0.96 30.15
CA THR A 100 -6.34 1.50 28.88
C THR A 100 -7.68 0.82 28.53
N SER A 101 -8.40 1.38 27.56
CA SER A 101 -9.74 0.91 27.22
C SER A 101 -9.75 -0.52 26.66
N LEU A 102 -10.84 -1.25 26.87
CA LEU A 102 -10.99 -2.59 26.30
C LEU A 102 -11.66 -2.55 24.93
N PHE A 103 -12.19 -1.40 24.54
CA PHE A 103 -12.87 -1.26 23.23
C PHE A 103 -13.08 0.18 22.90
N GLU A 104 -13.29 0.53 21.61
CA GLU A 104 -13.62 1.91 21.22
C GLU A 104 -15.10 2.13 21.47
N PRO A 105 -15.48 3.30 22.05
CA PRO A 105 -16.92 3.54 22.15
C PRO A 105 -17.63 3.46 20.77
N PRO A 106 -18.62 2.57 20.60
CA PRO A 106 -19.19 2.45 19.25
C PRO A 106 -19.96 3.69 18.78
N PRO A 107 -19.95 3.92 17.45
CA PRO A 107 -20.65 5.11 17.02
C PRO A 107 -22.19 4.99 17.12
N PRO A 108 -22.90 6.13 17.02
CA PRO A 108 -24.36 6.15 17.14
C PRO A 108 -25.09 5.16 16.25
N GLY A 109 -25.91 4.31 16.86
CA GLY A 109 -26.72 3.41 16.09
C GLY A 109 -26.04 2.06 15.85
N TYR A 110 -24.78 1.96 16.26
CA TYR A 110 -23.97 0.72 16.15
C TYR A 110 -23.58 0.20 17.50
N GLU A 111 -24.08 0.83 18.55
CA GLU A 111 -23.72 0.40 19.88
C GLU A 111 -24.22 -1.03 20.18
N ASN A 112 -25.11 -1.59 19.33
CA ASN A 112 -25.56 -3.00 19.48
C ASN A 112 -25.08 -3.96 18.36
N VAL A 113 -24.18 -3.48 17.51
CA VAL A 113 -23.55 -4.34 16.54
C VAL A 113 -22.59 -5.31 17.26
N SER A 114 -22.66 -6.58 16.91
CA SER A 114 -21.72 -7.51 17.52
C SER A 114 -20.54 -7.81 16.57
N ASP A 115 -19.53 -8.45 17.15
CA ASP A 115 -18.40 -8.88 16.39
C ASP A 115 -17.59 -7.68 15.89
N ILE A 116 -17.60 -6.57 16.62
CA ILE A 116 -16.62 -5.51 16.33
C ILE A 116 -15.34 -5.92 17.00
N VAL A 117 -14.28 -6.15 16.20
CA VAL A 117 -13.04 -6.62 16.83
C VAL A 117 -12.43 -5.47 17.64
N PRO A 118 -12.08 -5.67 18.94
CA PRO A 118 -11.48 -4.51 19.62
C PRO A 118 -10.12 -4.14 19.04
N PRO A 119 -9.63 -2.91 19.30
CA PRO A 119 -8.31 -2.55 18.78
C PRO A 119 -7.24 -3.50 19.23
N PHE A 120 -6.39 -3.89 18.29
CA PHE A 120 -5.24 -4.75 18.58
C PHE A 120 -4.25 -4.62 17.43
N SER A 121 -3.00 -5.04 17.68
CA SER A 121 -1.98 -5.05 16.63
C SER A 121 -1.91 -6.51 16.10
N ALA A 122 -2.42 -6.74 14.89
CA ALA A 122 -2.43 -8.13 14.39
C ALA A 122 -1.00 -8.70 14.28
N PHE A 123 -0.84 -9.93 14.80
CA PHE A 123 0.40 -10.75 14.81
C PHE A 123 1.31 -10.47 16.00
N SER A 124 0.87 -9.60 16.89
CA SER A 124 1.67 -9.41 18.12
C SER A 124 1.80 -10.78 18.82
N PRO A 125 3.00 -11.10 19.35
CA PRO A 125 3.06 -12.27 20.23
C PRO A 125 2.37 -11.95 21.56
N GLN A 126 2.16 -12.99 22.36
CA GLN A 126 1.59 -12.84 23.71
C GLN A 126 2.69 -12.45 24.65
N GLY A 127 2.33 -11.75 25.74
CA GLY A 127 3.34 -11.46 26.74
C GLY A 127 2.72 -10.51 27.74
N MET A 128 3.36 -10.37 28.90
CA MET A 128 2.97 -9.35 29.87
C MET A 128 4.20 -8.61 30.37
N PRO A 129 4.97 -7.98 29.46
CA PRO A 129 6.18 -7.24 29.83
C PRO A 129 5.87 -6.00 30.72
N GLU A 130 6.71 -5.76 31.76
CA GLU A 130 6.60 -4.53 32.59
C GLU A 130 7.91 -3.81 32.56
N GLY A 131 7.87 -2.49 32.48
CA GLY A 131 9.10 -1.73 32.38
C GLY A 131 8.90 -0.24 32.36
N ASP A 132 9.99 0.49 32.13
CA ASP A 132 9.93 1.95 32.05
C ASP A 132 9.75 2.31 30.58
N LEU A 133 8.99 3.37 30.35
CA LEU A 133 8.68 3.86 29.02
C LEU A 133 9.80 4.71 28.45
N VAL A 134 10.02 4.57 27.13
CA VAL A 134 10.82 5.54 26.39
C VAL A 134 9.91 5.99 25.25
N TYR A 135 9.85 7.30 25.03
CA TYR A 135 9.07 7.86 23.95
C TYR A 135 9.98 8.10 22.75
N VAL A 136 9.57 7.55 21.58
CA VAL A 136 10.47 7.47 20.42
C VAL A 136 9.93 8.24 19.18
N ASN A 137 9.04 9.18 19.41
CA ASN A 137 8.46 10.02 18.37
C ASN A 137 7.74 9.06 17.42
N TYR A 138 8.08 9.08 16.12
CA TYR A 138 7.38 8.20 15.16
C TYR A 138 8.04 6.84 15.02
N ALA A 139 9.09 6.60 15.81
CA ALA A 139 9.83 5.33 15.79
C ALA A 139 10.42 5.08 14.38
N ARG A 140 10.75 6.15 13.67
CA ARG A 140 11.50 6.02 12.40
C ARG A 140 12.98 5.69 12.64
N THR A 141 13.63 5.24 11.57
CA THR A 141 15.04 4.96 11.61
C THR A 141 15.79 6.18 12.20
N GLU A 142 15.48 7.39 11.71
CA GLU A 142 16.18 8.61 12.16
C GLU A 142 15.79 9.00 13.59
N ASP A 143 14.60 8.59 14.02
CA ASP A 143 14.20 8.84 15.44
C ASP A 143 15.07 8.01 16.38
N PHE A 144 15.29 6.75 16.01
CA PHE A 144 16.16 5.90 16.77
C PHE A 144 17.63 6.32 16.66
N PHE A 145 18.06 6.79 15.51
CA PHE A 145 19.42 7.37 15.40
C PHE A 145 19.60 8.52 16.44
N LYS A 146 18.60 9.40 16.52
CA LYS A 146 18.66 10.61 17.38
C LYS A 146 18.75 10.19 18.85
N LEU A 147 17.91 9.24 19.26
CA LEU A 147 17.92 8.72 20.62
C LEU A 147 19.21 8.07 21.02
N GLU A 148 19.69 7.16 20.17
CA GLU A 148 20.83 6.34 20.50
C GLU A 148 22.15 7.06 20.27
N ARG A 149 22.26 7.74 19.14
CA ARG A 149 23.53 8.35 18.74
C ARG A 149 23.74 9.72 19.35
N ASP A 150 22.71 10.56 19.35
CA ASP A 150 22.82 11.93 19.80
C ASP A 150 22.46 12.11 21.27
N MET A 151 21.41 11.45 21.74
CA MET A 151 20.95 11.66 23.11
C MET A 151 21.47 10.59 24.05
N LYS A 152 22.08 9.54 23.51
CA LYS A 152 22.61 8.43 24.28
C LYS A 152 21.58 7.72 25.15
N ILE A 153 20.35 7.65 24.67
CA ILE A 153 19.30 6.94 25.42
C ILE A 153 19.25 5.49 24.95
N ASN A 154 19.28 4.56 25.89
CA ASN A 154 19.32 3.15 25.56
C ASN A 154 17.93 2.53 25.71
N CYS A 155 17.39 1.95 24.62
CA CYS A 155 16.05 1.36 24.66
C CYS A 155 16.00 -0.08 25.12
N SER A 156 17.18 -0.68 25.34
CA SER A 156 17.23 -2.07 25.73
C SER A 156 16.40 -2.37 26.99
N GLY A 157 15.51 -3.35 26.89
CA GLY A 157 14.64 -3.71 28.01
C GLY A 157 13.60 -2.66 28.39
N LYS A 158 13.42 -1.63 27.56
CA LYS A 158 12.40 -0.60 27.81
C LYS A 158 11.12 -0.94 27.01
N ILE A 159 9.99 -0.40 27.46
CA ILE A 159 8.78 -0.39 26.64
C ILE A 159 8.79 0.90 25.87
N VAL A 160 8.66 0.80 24.55
CA VAL A 160 8.71 2.02 23.76
C VAL A 160 7.28 2.50 23.46
N ILE A 161 7.06 3.81 23.49
CA ILE A 161 5.81 4.37 23.06
C ILE A 161 6.04 5.32 21.90
N ALA A 162 5.34 5.03 20.80
CA ALA A 162 5.57 5.75 19.57
C ALA A 162 4.24 6.24 19.06
N ARG A 163 4.21 7.42 18.43
CA ARG A 163 3.02 7.89 17.75
C ARG A 163 2.95 7.34 16.32
N TYR A 164 1.73 7.02 15.91
CA TYR A 164 1.48 6.51 14.57
C TYR A 164 1.79 7.68 13.65
N GLY A 165 2.05 7.40 12.36
CA GLY A 165 2.19 8.46 11.37
C GLY A 165 3.51 8.29 10.63
N LYS A 166 3.59 8.90 9.45
CA LYS A 166 4.87 9.04 8.68
C LYS A 166 5.35 7.77 8.00
N VAL A 167 5.37 6.66 8.73
CA VAL A 167 5.82 5.37 8.13
C VAL A 167 4.89 4.21 8.54
N PHE A 168 4.92 3.13 7.75
CA PHE A 168 4.17 1.92 8.08
C PHE A 168 4.50 1.42 9.51
N ARG A 169 3.45 1.02 10.24
CA ARG A 169 3.66 0.59 11.66
C ARG A 169 4.57 -0.62 11.85
N GLY A 170 4.61 -1.51 10.84
CA GLY A 170 5.53 -2.66 10.87
C GLY A 170 6.97 -2.19 10.93
N ASN A 171 7.30 -1.09 10.22
CA ASN A 171 8.67 -0.55 10.30
C ASN A 171 9.01 -0.02 11.70
N LYS A 172 8.05 0.66 12.31
CA LYS A 172 8.20 1.13 13.72
C LYS A 172 8.56 -0.05 14.66
N VAL A 173 7.85 -1.17 14.54
CA VAL A 173 8.01 -2.29 15.43
C VAL A 173 9.36 -2.97 15.17
N LYS A 174 9.72 -3.13 13.89
CA LYS A 174 11.03 -3.64 13.53
C LYS A 174 12.14 -2.78 14.13
N ASN A 175 11.99 -1.46 14.01
CA ASN A 175 13.01 -0.52 14.50
C ASN A 175 13.08 -0.62 16.04
N ALA A 176 11.92 -0.69 16.69
CA ALA A 176 11.92 -0.86 18.21
C ALA A 176 12.57 -2.17 18.63
N GLN A 177 12.23 -3.26 17.91
CA GLN A 177 12.82 -4.56 18.19
C GLN A 177 14.35 -4.49 18.09
N LEU A 178 14.89 -3.81 17.08
CA LEU A 178 16.33 -3.83 16.85
C LEU A 178 17.04 -2.89 17.82
N ALA A 179 16.30 -1.93 18.36
CA ALA A 179 16.77 -1.12 19.47
C ALA A 179 16.75 -1.87 20.81
N GLY A 180 16.24 -3.10 20.86
CA GLY A 180 16.19 -3.88 22.11
C GLY A 180 14.96 -3.66 22.99
N ALA A 181 13.95 -2.96 22.48
CA ALA A 181 12.71 -2.78 23.24
C ALA A 181 12.07 -4.09 23.65
N LYS A 182 11.30 -4.08 24.75
CA LYS A 182 10.62 -5.30 25.14
C LYS A 182 9.13 -5.26 24.87
N GLY A 183 8.67 -4.15 24.32
CA GLY A 183 7.25 -4.00 23.95
C GLY A 183 7.12 -2.69 23.24
N VAL A 184 6.01 -2.50 22.54
CA VAL A 184 5.79 -1.25 21.82
C VAL A 184 4.33 -0.86 22.05
N ILE A 185 4.10 0.39 22.37
CA ILE A 185 2.77 0.96 22.45
C ILE A 185 2.63 2.01 21.35
N LEU A 186 1.64 1.85 20.46
CA LEU A 186 1.40 2.78 19.37
C LEU A 186 0.20 3.62 19.73
N TYR A 187 0.24 4.92 19.45
CA TYR A 187 -0.95 5.73 19.75
C TYR A 187 -1.15 6.77 18.69
N SER A 188 -2.39 7.25 18.55
CA SER A 188 -2.72 8.29 17.60
C SER A 188 -2.64 9.70 18.23
N ASP A 189 -1.67 10.50 17.82
CA ASP A 189 -1.55 11.87 18.38
C ASP A 189 -2.50 12.81 17.65
N PRO A 190 -3.21 13.72 18.38
CA PRO A 190 -4.00 14.67 17.63
C PRO A 190 -3.20 15.49 16.63
N ALA A 191 -1.89 15.61 16.82
CA ALA A 191 -1.12 16.41 15.83
C ALA A 191 -1.23 15.80 14.42
N ASP A 192 -1.34 14.48 14.38
CA ASP A 192 -1.35 13.74 13.09
C ASP A 192 -2.75 13.31 12.70
N TYR A 193 -3.67 13.20 13.66
CA TYR A 193 -4.99 12.66 13.40
C TYR A 193 -6.19 13.53 13.84
N PHE A 194 -5.95 14.83 14.08
CA PHE A 194 -7.08 15.72 14.43
C PHE A 194 -6.80 17.01 13.69
N ALA A 195 -7.55 17.25 12.63
CA ALA A 195 -7.32 18.44 11.82
C ALA A 195 -7.92 19.65 12.54
N PRO A 196 -7.15 20.73 12.66
CA PRO A 196 -7.67 22.00 13.26
C PRO A 196 -9.02 22.43 12.70
N GLY A 197 -9.96 22.76 13.60
CA GLY A 197 -11.22 23.35 13.19
C GLY A 197 -12.30 22.41 12.69
N VAL A 198 -12.05 21.10 12.79
CA VAL A 198 -13.08 20.10 12.43
C VAL A 198 -13.47 19.33 13.68
N LYS A 199 -14.71 18.89 13.75
CA LYS A 199 -15.19 18.17 14.93
C LYS A 199 -14.88 16.67 14.84
N SER A 200 -14.70 16.05 15.99
CA SER A 200 -14.65 14.60 16.16
C SER A 200 -15.85 13.91 15.65
N TYR A 201 -15.66 12.66 15.21
CA TYR A 201 -16.78 11.86 14.85
C TYR A 201 -17.75 11.53 15.99
N PRO A 202 -19.04 11.85 15.81
CA PRO A 202 -19.98 11.64 14.71
C PRO A 202 -20.30 13.00 14.06
N ASP A 203 -19.70 14.07 14.57
CA ASP A 203 -20.07 15.45 14.17
C ASP A 203 -19.12 16.02 13.15
N GLY A 204 -18.06 15.26 12.85
CA GLY A 204 -17.14 15.65 11.79
C GLY A 204 -16.23 14.46 11.56
N TRP A 205 -15.15 14.68 10.82
CA TRP A 205 -14.31 13.54 10.39
C TRP A 205 -13.06 13.33 11.18
N ASN A 206 -12.95 14.01 12.33
CA ASN A 206 -11.76 13.85 13.18
C ASN A 206 -11.85 12.65 14.10
N LEU A 207 -10.68 12.18 14.57
CA LEU A 207 -10.55 11.07 15.46
C LEU A 207 -10.87 11.52 16.89
N PRO A 208 -11.84 10.87 17.55
CA PRO A 208 -12.04 11.13 19.00
C PRO A 208 -10.98 10.52 19.88
N GLY A 209 -10.91 10.97 21.13
CA GLY A 209 -9.81 10.51 21.97
C GLY A 209 -9.91 9.04 22.35
N GLY A 210 -11.08 8.43 22.16
CA GLY A 210 -11.29 7.01 22.44
C GLY A 210 -11.06 6.16 21.17
N GLY A 211 -10.83 6.84 20.05
CA GLY A 211 -10.65 6.12 18.73
C GLY A 211 -9.27 5.49 18.69
N VAL A 212 -9.15 4.36 17.97
CA VAL A 212 -7.86 3.66 17.91
C VAL A 212 -7.73 3.04 16.50
N GLN A 213 -6.52 3.09 16.00
CA GLN A 213 -6.17 2.55 14.67
C GLN A 213 -5.68 1.13 14.82
N ARG A 214 -6.46 0.19 14.28
CA ARG A 214 -6.03 -1.21 14.13
C ARG A 214 -4.97 -1.33 13.00
N GLY A 215 -4.29 -2.46 12.97
CA GLY A 215 -3.42 -2.75 11.81
C GLY A 215 -2.39 -3.79 12.13
N ASN A 216 -1.97 -4.53 11.09
CA ASN A 216 -0.94 -5.52 11.33
C ASN A 216 0.43 -4.90 11.44
N ILE A 217 1.36 -5.62 12.06
CA ILE A 217 2.72 -5.12 12.35
C ILE A 217 3.73 -6.11 11.82
N LEU A 218 3.35 -6.81 10.74
CA LEU A 218 4.31 -7.73 10.10
C LEU A 218 5.39 -7.01 9.31
N ASN A 219 6.49 -7.74 9.04
CA ASN A 219 7.52 -7.28 8.07
C ASN A 219 7.74 -8.40 7.07
N LEU A 220 6.75 -8.58 6.17
CA LEU A 220 6.75 -9.74 5.27
C LEU A 220 7.64 -9.54 4.05
N ASN A 221 7.95 -8.28 3.75
CA ASN A 221 8.75 -7.98 2.53
C ASN A 221 8.27 -8.70 1.25
N GLY A 222 6.95 -8.76 1.08
CA GLY A 222 6.39 -9.35 -0.12
C GLY A 222 6.08 -10.83 -0.05
N ALA A 223 6.30 -11.46 1.11
CA ALA A 223 6.16 -12.93 1.17
C ALA A 223 4.74 -13.51 1.10
N GLY A 224 3.72 -12.76 1.51
CA GLY A 224 2.36 -13.34 1.56
C GLY A 224 2.19 -14.07 2.91
N ASP A 225 1.38 -15.12 2.91
CA ASP A 225 1.17 -15.93 4.13
C ASP A 225 2.51 -16.24 4.81
N PRO A 226 2.64 -15.86 6.08
CA PRO A 226 3.88 -16.11 6.78
C PRO A 226 4.38 -17.56 6.75
N LEU A 227 3.45 -18.51 6.66
CA LEU A 227 3.84 -19.93 6.73
C LEU A 227 4.23 -20.61 5.39
N THR A 228 3.93 -19.95 4.27
CA THR A 228 4.14 -20.59 2.94
C THR A 228 4.83 -19.72 1.87
N PRO A 229 5.96 -19.07 2.21
CA PRO A 229 6.59 -18.12 1.25
C PRO A 229 6.97 -18.85 -0.04
N GLY A 230 6.51 -18.31 -1.17
CA GLY A 230 6.84 -18.86 -2.51
C GLY A 230 5.74 -19.67 -3.15
N TYR A 231 4.80 -20.20 -2.35
CA TYR A 231 3.85 -21.23 -2.85
C TYR A 231 2.46 -20.94 -2.27
N PRO A 232 1.40 -21.26 -3.02
CA PRO A 232 0.07 -20.97 -2.50
C PRO A 232 -0.30 -21.83 -1.28
N ALA A 233 -1.00 -21.23 -0.31
CA ALA A 233 -1.41 -21.93 0.90
C ALA A 233 -2.67 -22.79 0.60
N ASN A 234 -2.48 -23.75 -0.31
CA ASN A 234 -3.60 -24.61 -0.72
C ASN A 234 -3.77 -25.78 0.26
N GLU A 235 -4.58 -26.77 -0.15
CA GLU A 235 -4.97 -27.83 0.78
C GLU A 235 -3.82 -28.73 1.18
N TYR A 236 -2.82 -28.91 0.30
CA TYR A 236 -1.74 -29.85 0.65
C TYR A 236 -0.44 -29.15 0.98
N ALA A 237 -0.50 -27.85 1.25
CA ALA A 237 0.70 -27.04 1.37
C ALA A 237 1.45 -27.48 2.60
N TYR A 238 2.77 -27.44 2.51
CA TYR A 238 3.59 -27.73 3.68
C TYR A 238 3.86 -26.40 4.33
N ARG A 239 3.63 -26.30 5.64
CA ARG A 239 3.79 -25.01 6.36
C ARG A 239 5.01 -25.00 7.18
N ARG A 240 5.68 -23.85 7.20
CA ARG A 240 6.72 -23.63 8.21
C ARG A 240 6.10 -23.69 9.61
N GLY A 241 6.91 -24.09 10.59
CA GLY A 241 6.53 -23.90 11.98
C GLY A 241 6.58 -22.42 12.32
N ILE A 242 5.79 -22.03 13.31
CA ILE A 242 5.76 -20.64 13.76
C ILE A 242 7.14 -20.05 13.96
N ALA A 243 8.11 -20.80 14.50
CA ALA A 243 9.38 -20.17 14.77
C ALA A 243 10.12 -19.82 13.50
N GLU A 244 9.78 -20.46 12.38
CA GLU A 244 10.43 -20.12 11.10
C GLU A 244 9.50 -19.28 10.19
N ALA A 245 8.35 -18.87 10.70
CA ALA A 245 7.43 -18.05 9.90
C ALA A 245 8.10 -16.74 9.47
N VAL A 246 7.62 -16.22 8.35
CA VAL A 246 8.17 -14.96 7.88
C VAL A 246 7.50 -13.76 8.53
N GLY A 247 8.32 -12.85 9.04
CA GLY A 247 7.82 -11.49 9.30
C GLY A 247 7.19 -11.20 10.65
N LEU A 248 7.17 -12.20 11.54
CA LEU A 248 6.44 -12.00 12.80
C LEU A 248 7.28 -11.21 13.81
N PRO A 249 6.64 -10.30 14.56
CA PRO A 249 7.35 -9.50 15.57
C PRO A 249 7.69 -10.36 16.77
N SER A 250 8.76 -10.00 17.47
CA SER A 250 9.19 -10.82 18.60
C SER A 250 8.85 -10.20 19.94
N ILE A 251 8.23 -9.04 19.92
CA ILE A 251 7.83 -8.33 21.17
C ILE A 251 6.36 -7.91 21.09
N PRO A 252 5.64 -7.87 22.23
CA PRO A 252 4.23 -7.52 22.21
C PRO A 252 4.02 -6.08 21.78
N VAL A 253 2.87 -5.83 21.12
CA VAL A 253 2.57 -4.52 20.56
C VAL A 253 1.09 -4.26 20.73
N HIS A 254 0.70 -3.01 21.05
CA HIS A 254 -0.71 -2.71 21.20
C HIS A 254 -0.99 -1.24 20.91
N PRO A 255 -2.09 -0.94 20.20
CA PRO A 255 -2.39 0.45 19.88
C PRO A 255 -3.47 1.04 20.84
N ILE A 256 -3.38 2.35 21.07
CA ILE A 256 -4.30 3.05 21.96
C ILE A 256 -4.64 4.43 21.38
N GLY A 257 -5.75 5.01 21.89
CA GLY A 257 -6.14 6.36 21.54
C GLY A 257 -5.43 7.44 22.39
N TYR A 258 -5.69 8.70 22.07
CA TYR A 258 -4.91 9.76 22.68
C TYR A 258 -5.42 10.13 24.10
N TYR A 259 -6.66 9.82 24.45
CA TYR A 259 -7.03 9.93 25.91
C TYR A 259 -6.18 9.00 26.77
N ASP A 260 -6.03 7.74 26.34
CA ASP A 260 -5.17 6.81 27.03
C ASP A 260 -3.68 7.17 26.94
N ALA A 261 -3.25 7.65 25.77
CA ALA A 261 -1.83 8.01 25.60
C ALA A 261 -1.46 9.15 26.56
N GLN A 262 -2.37 10.11 26.70
CA GLN A 262 -2.14 11.26 27.60
C GLN A 262 -1.78 10.76 29.03
N LYS A 263 -2.54 9.79 29.51
CA LYS A 263 -2.28 9.20 30.82
C LYS A 263 -0.95 8.49 30.91
N LEU A 264 -0.50 7.86 29.81
CA LEU A 264 0.82 7.23 29.85
C LEU A 264 1.96 8.24 29.69
N LEU A 265 1.75 9.31 28.94
CA LEU A 265 2.82 10.26 28.64
C LEU A 265 2.95 11.36 29.70
N GLU A 266 1.86 11.68 30.38
CA GLU A 266 1.88 12.87 31.26
C GLU A 266 2.92 12.76 32.39
N LYS A 267 3.19 11.55 32.85
CA LYS A 267 4.14 11.37 33.92
C LYS A 267 5.58 11.23 33.47
N MET A 268 5.84 11.30 32.16
CA MET A 268 7.20 10.99 31.68
C MET A 268 8.32 11.94 32.13
N GLY A 269 9.42 11.34 32.56
CA GLY A 269 10.59 12.09 32.98
C GLY A 269 11.80 11.92 32.10
N GLY A 270 12.97 11.80 32.74
CA GLY A 270 14.25 11.83 32.02
C GLY A 270 14.38 13.01 31.09
N SER A 271 14.97 12.78 29.91
CA SER A 271 15.36 13.86 29.02
C SER A 271 14.21 14.59 28.36
N ALA A 272 14.39 15.88 28.07
CA ALA A 272 13.38 16.64 27.33
C ALA A 272 13.41 16.17 25.87
N PRO A 273 12.32 16.44 25.11
CA PRO A 273 12.33 16.16 23.65
C PRO A 273 13.49 16.97 23.05
N PRO A 274 14.19 16.40 22.06
CA PRO A 274 15.36 17.08 21.53
C PRO A 274 15.03 18.33 20.73
N ASP A 275 13.80 18.42 20.25
CA ASP A 275 13.37 19.57 19.47
C ASP A 275 11.87 19.47 19.21
N SER A 276 11.32 20.47 18.54
CA SER A 276 9.87 20.58 18.46
C SER A 276 9.23 19.54 17.51
N SER A 277 10.02 18.98 16.57
CA SER A 277 9.52 17.94 15.63
C SER A 277 9.15 16.66 16.39
N TRP A 278 9.50 16.61 17.68
CA TRP A 278 9.21 15.49 18.57
C TRP A 278 7.98 15.71 19.46
N ARG A 279 7.42 16.93 19.44
CA ARG A 279 6.27 17.28 20.25
C ARG A 279 4.98 17.19 19.43
N GLY A 280 4.03 16.39 19.89
CA GLY A 280 2.68 16.36 19.34
C GLY A 280 1.82 17.46 19.96
N SER A 281 0.50 17.28 19.95
CA SER A 281 -0.42 18.33 20.35
C SER A 281 -1.04 18.13 21.72
N LEU A 282 -0.67 17.07 22.42
CA LEU A 282 -1.24 16.82 23.73
C LEU A 282 -0.54 17.75 24.74
N LYS A 283 -1.24 17.98 25.83
CA LYS A 283 -0.73 18.88 26.85
C LYS A 283 0.15 18.10 27.79
N VAL A 284 1.31 17.69 27.25
CA VAL A 284 2.30 16.94 27.99
C VAL A 284 3.68 17.43 27.50
N PRO A 285 4.73 17.17 28.27
CA PRO A 285 6.04 17.71 27.86
C PRO A 285 6.68 16.92 26.70
N TYR A 286 6.28 15.67 26.49
CA TYR A 286 6.90 14.82 25.43
C TYR A 286 8.34 14.49 25.80
N ASN A 287 8.59 14.34 27.10
CA ASN A 287 9.88 13.87 27.58
C ASN A 287 10.15 12.49 27.02
N VAL A 288 11.40 12.25 26.69
CA VAL A 288 11.79 10.99 26.05
C VAL A 288 11.92 9.92 27.13
N GLY A 289 12.09 10.35 28.38
CA GLY A 289 12.16 9.36 29.44
C GLY A 289 13.56 8.81 29.59
N PRO A 290 13.63 7.52 29.93
CA PRO A 290 13.43 6.20 30.53
C PRO A 290 12.58 6.59 31.72
N GLY A 291 11.36 6.09 31.78
CA GLY A 291 10.57 6.17 33.01
C GLY A 291 9.93 7.51 33.34
N PHE A 292 9.34 7.55 34.54
CA PHE A 292 8.49 8.63 34.99
C PHE A 292 9.25 9.63 35.89
N THR A 293 8.69 10.83 36.08
CA THR A 293 9.29 11.83 36.99
C THR A 293 9.28 11.39 38.47
N GLY A 294 10.20 11.97 39.26
CA GLY A 294 10.48 11.59 40.64
C GLY A 294 9.39 11.02 41.53
N ASN A 295 8.25 11.68 41.61
CA ASN A 295 7.14 11.20 42.45
C ASN A 295 6.65 9.80 42.05
N PHE A 296 6.78 9.51 40.76
CA PHE A 296 6.22 8.30 40.16
C PHE A 296 7.30 7.37 39.65
N SER A 297 8.56 7.69 39.98
CA SER A 297 9.70 6.93 39.50
C SER A 297 9.57 5.43 39.73
N THR A 298 8.74 5.02 40.68
CA THR A 298 8.64 3.58 40.99
C THR A 298 7.44 2.88 40.34
N GLN A 299 6.58 3.67 39.70
CA GLN A 299 5.51 3.12 38.87
C GLN A 299 6.13 2.60 37.57
N LYS A 300 5.54 1.52 37.05
CA LYS A 300 5.98 0.95 35.78
C LYS A 300 4.79 0.83 34.81
N VAL A 301 5.09 0.53 33.55
CA VAL A 301 4.03 0.25 32.58
C VAL A 301 4.02 -1.24 32.28
N LYS A 302 2.82 -1.80 32.21
CA LYS A 302 2.67 -3.22 32.00
C LYS A 302 1.68 -3.54 30.88
N MET A 303 2.13 -4.36 29.93
CA MET A 303 1.26 -4.73 28.83
C MET A 303 0.61 -6.08 29.14
N HIS A 304 -0.58 -6.34 28.59
CA HIS A 304 -1.19 -7.67 28.71
C HIS A 304 -1.71 -8.04 27.32
N ILE A 305 -0.96 -8.87 26.63
CA ILE A 305 -1.35 -9.22 25.25
C ILE A 305 -1.53 -10.72 25.15
N HIS A 306 -2.70 -11.12 24.69
CA HIS A 306 -3.11 -12.52 24.63
C HIS A 306 -3.68 -13.00 23.28
N SER A 307 -3.43 -12.20 22.24
CA SER A 307 -3.96 -12.51 20.91
C SER A 307 -3.31 -13.81 20.47
N THR A 308 -3.95 -14.52 19.55
CA THR A 308 -3.39 -15.77 19.02
C THR A 308 -3.34 -15.80 17.50
N ASN A 309 -2.32 -16.43 16.97
CA ASN A 309 -2.18 -16.56 15.50
C ASN A 309 -2.86 -17.90 15.17
N GLU A 310 -3.60 -17.95 14.08
CA GLU A 310 -4.47 -19.09 13.80
C GLU A 310 -4.57 -19.24 12.28
N VAL A 311 -4.25 -20.42 11.77
CA VAL A 311 -4.45 -20.67 10.31
C VAL A 311 -5.97 -20.70 10.04
N THR A 312 -6.43 -19.89 9.10
CA THR A 312 -7.86 -19.62 8.89
C THR A 312 -8.12 -19.50 7.36
N ARG A 313 -9.31 -19.91 6.92
CA ARG A 313 -9.56 -19.94 5.46
C ARG A 313 -9.96 -18.54 5.05
N ILE A 314 -9.51 -18.14 3.87
CA ILE A 314 -9.86 -16.84 3.29
C ILE A 314 -10.36 -17.11 1.86
N TYR A 315 -11.04 -16.13 1.27
CA TYR A 315 -11.70 -16.33 0.01
C TYR A 315 -11.55 -15.13 -0.90
N ASN A 316 -10.96 -15.34 -2.09
CA ASN A 316 -10.94 -14.31 -3.11
C ASN A 316 -12.08 -14.57 -4.10
N VAL A 317 -12.71 -13.51 -4.60
CA VAL A 317 -13.68 -13.73 -5.71
C VAL A 317 -12.93 -13.32 -6.99
N ILE A 318 -12.96 -14.19 -8.00
CA ILE A 318 -12.24 -13.96 -9.26
C ILE A 318 -13.24 -14.06 -10.42
N GLY A 319 -13.50 -12.94 -11.08
CA GLY A 319 -14.49 -12.87 -12.20
C GLY A 319 -13.71 -12.70 -13.49
N THR A 320 -14.19 -13.31 -14.58
CA THR A 320 -13.49 -13.23 -15.85
C THR A 320 -14.47 -12.71 -16.91
N LEU A 321 -14.01 -11.77 -17.70
CA LEU A 321 -14.72 -11.34 -18.92
C LEU A 321 -13.74 -11.65 -20.05
N ARG A 322 -14.01 -12.73 -20.74
CA ARG A 322 -13.10 -13.23 -21.80
C ARG A 322 -12.94 -12.27 -22.99
N GLY A 323 -11.69 -12.02 -23.39
CA GLY A 323 -11.37 -11.12 -24.51
C GLY A 323 -11.83 -11.76 -25.85
N ALA A 324 -12.26 -10.90 -26.76
CA ALA A 324 -12.76 -11.39 -28.08
C ALA A 324 -11.60 -11.70 -29.04
N VAL A 325 -10.48 -11.00 -28.90
CA VAL A 325 -9.38 -11.13 -29.89
C VAL A 325 -8.14 -11.75 -29.20
N GLU A 326 -7.81 -11.22 -28.02
CA GLU A 326 -6.63 -11.74 -27.26
C GLU A 326 -7.02 -12.22 -25.86
N PRO A 327 -7.75 -13.35 -25.76
CA PRO A 327 -8.24 -13.90 -24.49
C PRO A 327 -7.10 -14.33 -23.58
N ASP A 328 -5.91 -14.52 -24.16
CA ASP A 328 -4.73 -14.87 -23.34
C ASP A 328 -3.91 -13.65 -22.96
N ARG A 329 -4.52 -12.47 -22.84
CA ARG A 329 -3.85 -11.29 -22.33
C ARG A 329 -4.80 -10.79 -21.27
N TYR A 330 -4.26 -10.58 -20.07
CA TYR A 330 -5.11 -10.26 -18.88
C TYR A 330 -4.86 -8.87 -18.40
N VAL A 331 -5.96 -8.13 -18.24
CA VAL A 331 -5.91 -6.82 -17.63
C VAL A 331 -6.72 -7.02 -16.33
N ILE A 332 -6.13 -6.67 -15.17
CA ILE A 332 -6.72 -7.09 -13.90
C ILE A 332 -7.09 -5.84 -13.13
N LEU A 333 -8.34 -5.82 -12.63
CA LEU A 333 -8.82 -4.77 -11.71
C LEU A 333 -9.08 -5.46 -10.40
N GLY A 334 -8.31 -5.10 -9.38
CA GLY A 334 -8.43 -5.85 -8.12
C GLY A 334 -8.46 -4.91 -6.91
N GLY A 335 -9.18 -5.32 -5.87
CA GLY A 335 -9.08 -4.53 -4.61
C GLY A 335 -9.64 -5.46 -3.54
N HIS A 336 -9.36 -5.13 -2.27
CA HIS A 336 -9.78 -6.09 -1.24
C HIS A 336 -11.17 -5.80 -0.68
N ARG A 337 -11.69 -6.81 0.03
CA ARG A 337 -13.07 -6.80 0.54
C ARG A 337 -13.09 -6.88 2.09
N ASP A 338 -12.05 -7.48 2.67
CA ASP A 338 -11.98 -7.61 4.15
C ASP A 338 -11.72 -6.23 4.76
N SER A 339 -12.30 -5.98 5.93
CA SER A 339 -12.13 -4.66 6.57
C SER A 339 -11.78 -4.93 8.04
N TRP A 340 -11.24 -3.94 8.72
CA TRP A 340 -11.00 -4.11 10.17
C TRP A 340 -12.34 -4.10 10.91
N VAL A 341 -13.18 -3.12 10.63
CA VAL A 341 -14.56 -3.12 11.16
C VAL A 341 -15.56 -2.92 10.01
N PHE A 342 -16.18 -1.76 9.90
CA PHE A 342 -17.20 -1.55 8.86
C PHE A 342 -16.63 -1.22 7.49
N GLY A 343 -15.40 -0.71 7.47
CA GLY A 343 -14.74 -0.48 6.15
C GLY A 343 -15.38 0.59 5.31
N GLY A 344 -15.96 1.61 5.97
CA GLY A 344 -16.70 2.65 5.24
C GLY A 344 -15.86 3.32 4.16
N ILE A 345 -14.59 3.60 4.45
CA ILE A 345 -13.69 4.09 3.38
C ILE A 345 -12.88 2.86 2.93
N ASP A 346 -12.21 2.26 3.90
CA ASP A 346 -11.20 1.23 3.59
C ASP A 346 -11.62 -0.20 3.87
N PRO A 347 -12.16 -0.92 2.86
CA PRO A 347 -11.89 -0.86 1.42
C PRO A 347 -13.21 -0.59 0.73
N GLN A 348 -14.32 -0.42 1.47
CA GLN A 348 -15.60 -0.54 0.74
C GLN A 348 -15.89 0.61 -0.24
N SER A 349 -15.25 1.75 -0.05
CA SER A 349 -15.43 2.84 -1.01
C SER A 349 -14.77 2.42 -2.32
N GLY A 350 -13.75 1.56 -2.23
CA GLY A 350 -13.10 0.99 -3.44
C GLY A 350 -13.91 -0.17 -3.99
N ALA A 351 -14.31 -1.10 -3.13
CA ALA A 351 -15.13 -2.22 -3.58
C ALA A 351 -16.43 -1.83 -4.25
N ALA A 352 -17.04 -0.73 -3.79
CA ALA A 352 -18.34 -0.30 -4.39
C ALA A 352 -18.06 0.21 -5.78
N VAL A 353 -16.91 0.87 -5.94
CA VAL A 353 -16.47 1.34 -7.25
C VAL A 353 -16.23 0.16 -8.21
N VAL A 354 -15.48 -0.88 -7.74
CA VAL A 354 -15.27 -2.08 -8.58
C VAL A 354 -16.61 -2.71 -8.99
N HIS A 355 -17.55 -2.82 -8.02
CA HIS A 355 -18.85 -3.44 -8.27
C HIS A 355 -19.58 -2.71 -9.39
N GLU A 356 -19.54 -1.40 -9.37
CA GLU A 356 -20.24 -0.59 -10.44
C GLU A 356 -19.48 -0.68 -11.76
N ILE A 357 -18.15 -0.79 -11.71
CA ILE A 357 -17.39 -1.05 -12.98
C ILE A 357 -17.77 -2.38 -13.61
N VAL A 358 -17.84 -3.44 -12.81
CA VAL A 358 -18.25 -4.77 -13.27
C VAL A 358 -19.64 -4.65 -13.89
N ARG A 359 -20.56 -4.01 -13.16
CA ARG A 359 -21.93 -3.84 -13.67
C ARG A 359 -21.94 -3.16 -15.05
N SER A 360 -21.18 -2.08 -15.21
CA SER A 360 -21.10 -1.35 -16.46
C SER A 360 -20.51 -2.20 -17.58
N PHE A 361 -19.37 -2.88 -17.33
CA PHE A 361 -18.83 -3.76 -18.37
C PHE A 361 -19.83 -4.85 -18.72
N GLY A 362 -20.50 -5.44 -17.71
CA GLY A 362 -21.50 -6.46 -17.93
C GLY A 362 -22.68 -5.95 -18.77
N THR A 363 -23.09 -4.71 -18.56
CA THR A 363 -24.15 -4.12 -19.42
C THR A 363 -23.76 -4.15 -20.90
N LEU A 364 -22.55 -3.70 -21.22
CA LEU A 364 -22.03 -3.75 -22.60
C LEU A 364 -21.97 -5.16 -23.10
N LYS A 365 -21.51 -6.08 -22.25
CA LYS A 365 -21.40 -7.44 -22.67
C LYS A 365 -22.77 -8.02 -23.03
N LYS A 366 -23.78 -7.70 -22.25
CA LYS A 366 -25.14 -8.19 -22.56
C LYS A 366 -25.67 -7.69 -23.90
N GLU A 367 -25.17 -6.55 -24.36
CA GLU A 367 -25.49 -5.99 -25.70
C GLU A 367 -24.61 -6.56 -26.81
N GLY A 368 -23.79 -7.56 -26.48
CA GLY A 368 -22.96 -8.27 -27.46
C GLY A 368 -21.51 -7.83 -27.58
N TRP A 369 -21.07 -6.92 -26.70
CA TRP A 369 -19.71 -6.41 -26.79
C TRP A 369 -18.81 -7.32 -25.94
N ARG A 370 -17.55 -7.38 -26.34
CA ARG A 370 -16.49 -8.04 -25.53
C ARG A 370 -15.27 -7.20 -25.69
N PRO A 371 -14.46 -7.09 -24.61
CA PRO A 371 -13.25 -6.34 -24.73
C PRO A 371 -12.29 -7.12 -25.66
N ARG A 372 -11.26 -6.46 -26.16
CA ARG A 372 -10.27 -7.09 -27.04
C ARG A 372 -9.51 -8.17 -26.25
N ARG A 373 -9.01 -7.76 -25.08
CA ARG A 373 -8.30 -8.67 -24.12
C ARG A 373 -9.21 -9.06 -22.96
N THR A 374 -8.80 -10.10 -22.23
CA THR A 374 -9.54 -10.64 -21.10
C THR A 374 -9.37 -9.65 -19.93
N ILE A 375 -10.48 -9.38 -19.26
CA ILE A 375 -10.44 -8.60 -18.04
C ILE A 375 -10.77 -9.52 -16.88
N LEU A 376 -9.89 -9.45 -15.85
CA LEU A 376 -10.10 -10.24 -14.64
C LEU A 376 -10.44 -9.21 -13.54
N PHE A 377 -11.42 -9.56 -12.75
CA PHE A 377 -11.86 -8.71 -11.62
C PHE A 377 -11.65 -9.51 -10.36
N ALA A 378 -11.12 -8.86 -9.33
CA ALA A 378 -10.82 -9.60 -8.09
C ALA A 378 -11.29 -8.80 -6.86
N SER A 379 -11.88 -9.54 -5.93
CA SER A 379 -12.26 -9.04 -4.60
C SER A 379 -11.35 -9.84 -3.65
N TRP A 380 -10.24 -9.23 -3.25
CA TRP A 380 -9.26 -9.97 -2.47
C TRP A 380 -9.64 -10.09 -0.99
N ASP A 381 -9.18 -11.16 -0.33
CA ASP A 381 -9.42 -11.29 1.11
C ASP A 381 -8.09 -11.01 1.87
N ALA A 382 -8.23 -10.76 3.17
CA ALA A 382 -7.08 -10.69 4.08
C ALA A 382 -6.03 -9.68 3.65
N GLU A 383 -6.42 -8.63 2.93
CA GLU A 383 -5.42 -7.58 2.62
C GLU A 383 -4.91 -7.01 3.93
N GLU A 384 -5.83 -6.87 4.89
CA GLU A 384 -5.48 -6.14 6.13
C GLU A 384 -4.46 -6.92 6.97
N PHE A 385 -4.31 -8.22 6.69
CA PHE A 385 -3.38 -9.03 7.43
C PHE A 385 -2.07 -9.29 6.71
N GLY A 386 -1.80 -8.48 5.68
CA GLY A 386 -0.50 -8.54 4.97
C GLY A 386 -0.63 -8.86 3.48
N LEU A 387 -1.68 -8.41 2.86
CA LEU A 387 -1.82 -8.60 1.37
C LEU A 387 -1.92 -10.12 1.09
N LEU A 388 -2.56 -10.85 1.99
CA LEU A 388 -2.43 -12.32 1.90
C LEU A 388 -3.21 -12.92 0.72
N GLY A 389 -4.42 -12.49 0.52
CA GLY A 389 -5.30 -13.04 -0.54
C GLY A 389 -4.73 -12.80 -1.94
N SER A 390 -4.30 -11.56 -2.22
CA SER A 390 -3.79 -11.25 -3.57
C SER A 390 -2.48 -12.06 -3.75
N THR A 391 -1.64 -12.06 -2.71
CA THR A 391 -0.33 -12.72 -2.85
C THR A 391 -0.44 -14.21 -3.04
N GLU A 392 -1.28 -14.90 -2.26
CA GLU A 392 -1.41 -16.37 -2.41
C GLU A 392 -1.95 -16.67 -3.82
N TRP A 393 -2.95 -15.89 -4.25
CA TRP A 393 -3.51 -16.12 -5.60
C TRP A 393 -2.44 -15.92 -6.70
N ALA A 394 -1.65 -14.86 -6.59
CA ALA A 394 -0.59 -14.62 -7.54
C ALA A 394 0.47 -15.73 -7.47
N GLU A 395 0.76 -16.22 -6.24
CA GLU A 395 1.69 -17.37 -6.12
C GLU A 395 1.14 -18.59 -6.88
N GLU A 396 -0.15 -18.82 -6.72
CA GLU A 396 -0.76 -19.97 -7.38
C GLU A 396 -0.67 -19.79 -8.90
N ASN A 397 -0.96 -18.58 -9.38
CA ASN A 397 -1.12 -18.31 -10.86
C ASN A 397 0.06 -17.62 -11.50
N SER A 398 1.24 -17.70 -10.86
CA SER A 398 2.36 -16.80 -11.27
C SER A 398 2.77 -17.07 -12.72
N ARG A 399 2.72 -18.34 -13.13
CA ARG A 399 3.12 -18.63 -14.55
C ARG A 399 2.15 -18.00 -15.58
N LEU A 400 0.86 -18.07 -15.29
CA LEU A 400 -0.10 -17.40 -16.18
C LEU A 400 0.13 -15.90 -16.17
N LEU A 401 0.34 -15.32 -14.97
CA LEU A 401 0.47 -13.89 -14.90
C LEU A 401 1.74 -13.40 -15.53
N GLN A 402 2.84 -14.11 -15.29
CA GLN A 402 4.16 -13.80 -15.85
C GLN A 402 4.04 -13.71 -17.39
N GLU A 403 3.35 -14.66 -18.00
CA GLU A 403 3.42 -14.73 -19.48
C GLU A 403 2.22 -14.00 -20.16
N ARG A 404 1.19 -13.70 -19.39
CA ARG A 404 -0.03 -13.13 -19.97
C ARG A 404 -0.50 -11.79 -19.35
N GLY A 405 0.13 -11.36 -18.24
CA GLY A 405 -0.36 -10.18 -17.49
C GLY A 405 0.01 -8.89 -18.16
N VAL A 406 -1.00 -8.17 -18.62
CA VAL A 406 -0.74 -6.87 -19.21
C VAL A 406 -0.55 -5.76 -18.19
N ALA A 407 -1.51 -5.69 -17.26
CA ALA A 407 -1.54 -4.63 -16.27
C ALA A 407 -2.46 -4.98 -15.14
N TYR A 408 -2.17 -4.33 -14.01
CA TYR A 408 -2.96 -4.51 -12.79
C TYR A 408 -3.33 -3.09 -12.32
N ILE A 409 -4.64 -2.84 -12.15
CA ILE A 409 -5.11 -1.61 -11.55
C ILE A 409 -5.71 -1.93 -10.18
N ASN A 410 -5.20 -1.27 -9.14
CA ASN A 410 -5.68 -1.58 -7.79
C ASN A 410 -6.96 -0.79 -7.53
N ALA A 411 -7.74 -1.21 -6.52
CA ALA A 411 -9.01 -0.49 -6.25
C ALA A 411 -9.34 -0.62 -4.76
N ASP A 412 -8.43 -0.17 -3.94
CA ASP A 412 -8.77 0.00 -2.49
C ASP A 412 -9.49 1.36 -2.37
N SER A 413 -9.43 1.97 -1.19
CA SER A 413 -10.25 3.17 -0.89
C SER A 413 -10.29 4.17 -2.05
N SER A 414 -11.50 4.54 -2.48
CA SER A 414 -11.65 5.52 -3.58
C SER A 414 -11.40 6.95 -3.12
N ILE A 415 -11.49 7.19 -1.81
CA ILE A 415 -11.34 8.53 -1.27
C ILE A 415 -10.50 8.50 -0.01
N GLU A 416 -9.65 9.48 0.18
CA GLU A 416 -9.00 9.69 1.47
C GLU A 416 -9.05 11.19 1.80
N GLY A 417 -9.82 11.91 1.00
CA GLY A 417 -9.98 13.35 1.06
C GLY A 417 -10.91 13.75 -0.09
N ASN A 418 -11.13 15.05 -0.24
CA ASN A 418 -12.03 15.50 -1.30
C ASN A 418 -11.41 16.66 -2.05
N TYR A 419 -10.09 16.72 -2.05
CA TYR A 419 -9.40 17.88 -2.61
C TYR A 419 -9.08 17.69 -4.09
N THR A 420 -8.36 16.61 -4.40
CA THR A 420 -7.95 16.41 -5.81
C THR A 420 -7.62 14.93 -6.06
N LEU A 421 -7.34 14.60 -7.31
CA LEU A 421 -6.90 13.25 -7.68
C LEU A 421 -5.52 12.93 -7.21
N ARG A 422 -5.32 11.64 -6.90
CA ARG A 422 -4.00 11.13 -6.55
C ARG A 422 -3.81 9.92 -7.49
N VAL A 423 -2.67 9.85 -8.18
CA VAL A 423 -2.37 8.65 -9.00
C VAL A 423 -0.95 8.23 -8.64
N ASP A 424 -0.70 6.92 -8.42
CA ASP A 424 0.67 6.40 -8.29
C ASP A 424 0.69 5.25 -9.32
N CYS A 425 1.70 5.22 -10.18
CA CYS A 425 1.70 4.18 -11.20
C CYS A 425 3.06 4.06 -11.82
N THR A 426 3.23 3.02 -12.62
CA THR A 426 4.45 2.90 -13.40
C THR A 426 4.55 4.02 -14.45
N PRO A 427 5.78 4.47 -14.75
CA PRO A 427 5.90 5.44 -15.85
C PRO A 427 5.21 4.98 -17.15
N LEU A 428 5.09 3.66 -17.38
CA LEU A 428 4.49 3.17 -18.63
C LEU A 428 3.04 3.67 -18.76
N MET A 429 2.42 4.03 -17.64
CA MET A 429 1.02 4.45 -17.73
C MET A 429 0.82 5.97 -17.66
N TYR A 430 1.89 6.75 -17.60
CA TYR A 430 1.73 8.21 -17.43
C TYR A 430 0.89 8.81 -18.56
N SER A 431 1.25 8.47 -19.80
CA SER A 431 0.54 9.06 -20.96
C SER A 431 -0.91 8.64 -20.99
N LEU A 432 -1.19 7.39 -20.69
CA LEU A 432 -2.55 6.89 -20.62
C LEU A 432 -3.38 7.73 -19.60
N VAL A 433 -2.78 7.96 -18.43
CA VAL A 433 -3.47 8.71 -17.34
C VAL A 433 -3.71 10.17 -17.76
N HIS A 434 -2.69 10.79 -18.33
CA HIS A 434 -2.81 12.21 -18.79
C HIS A 434 -3.94 12.29 -19.82
N ASN A 435 -3.90 11.39 -20.80
CA ASN A 435 -4.93 11.40 -21.85
C ASN A 435 -6.32 11.13 -21.33
N LEU A 436 -6.47 10.15 -20.44
CA LEU A 436 -7.79 9.82 -19.97
C LEU A 436 -8.36 10.98 -19.17
N THR A 437 -7.55 11.58 -18.31
CA THR A 437 -8.05 12.63 -17.43
C THR A 437 -8.41 13.92 -18.19
N LYS A 438 -7.82 14.08 -19.36
CA LYS A 438 -8.18 15.22 -20.24
C LYS A 438 -9.58 15.05 -20.83
N GLU A 439 -10.10 13.85 -20.81
CA GLU A 439 -11.40 13.50 -21.40
C GLU A 439 -12.50 13.38 -20.35
N LEU A 440 -12.12 13.47 -19.08
CA LEU A 440 -13.12 13.29 -18.00
C LEU A 440 -13.45 14.66 -17.43
N LYS A 441 -14.67 14.82 -16.93
CA LYS A 441 -15.08 16.10 -16.30
C LYS A 441 -14.56 16.24 -14.86
N SER A 442 -14.08 17.41 -14.48
CA SER A 442 -13.70 17.62 -13.07
C SER A 442 -14.94 17.67 -12.17
N PRO A 443 -14.89 16.99 -11.01
CA PRO A 443 -16.01 17.06 -10.07
C PRO A 443 -15.88 18.24 -9.10
N ASP A 444 -14.76 18.98 -9.19
CA ASP A 444 -14.37 19.94 -8.18
C ASP A 444 -15.23 21.21 -8.30
N GLU A 445 -15.56 21.81 -7.15
CA GLU A 445 -16.21 23.13 -7.18
C GLU A 445 -15.24 24.18 -7.74
N GLY A 446 -15.72 25.01 -8.65
CA GLY A 446 -14.85 26.02 -9.22
C GLY A 446 -14.29 25.55 -10.55
N PHE A 447 -14.40 24.25 -10.86
CA PHE A 447 -13.90 23.72 -12.14
C PHE A 447 -15.01 23.13 -12.93
N GLU A 448 -16.23 23.61 -12.74
CA GLU A 448 -17.32 23.03 -13.51
C GLU A 448 -17.12 23.33 -15.01
N GLY A 449 -17.36 22.32 -15.83
CA GLY A 449 -17.05 22.37 -17.28
C GLY A 449 -15.57 22.31 -17.65
N LYS A 450 -14.69 22.14 -16.66
CA LYS A 450 -13.29 21.95 -16.95
C LYS A 450 -12.94 20.44 -16.84
N SER A 451 -11.83 20.04 -17.46
CA SER A 451 -11.43 18.62 -17.42
C SER A 451 -10.84 18.31 -16.02
N LEU A 452 -10.90 17.03 -15.68
CA LEU A 452 -10.17 16.49 -14.49
C LEU A 452 -8.67 16.79 -14.57
N TYR A 453 -8.09 16.64 -15.76
CA TYR A 453 -6.70 16.98 -15.94
C TYR A 453 -6.40 18.40 -15.50
N GLU A 454 -7.28 19.33 -15.87
CA GLU A 454 -7.05 20.72 -15.55
C GLU A 454 -7.10 20.97 -14.03
N SER A 455 -8.11 20.41 -13.37
CA SER A 455 -8.24 20.65 -11.91
C SER A 455 -7.13 19.97 -11.15
N TRP A 456 -6.85 18.73 -11.57
CA TRP A 456 -5.78 17.95 -10.94
C TRP A 456 -4.41 18.65 -11.10
N THR A 457 -4.10 19.11 -12.31
CA THR A 457 -2.79 19.75 -12.54
C THR A 457 -2.66 21.06 -11.76
N LYS A 458 -3.77 21.79 -11.65
CA LYS A 458 -3.75 23.04 -10.89
C LYS A 458 -3.53 22.78 -9.40
N LYS A 459 -4.26 21.82 -8.83
CA LYS A 459 -4.20 21.52 -7.38
C LYS A 459 -3.01 20.69 -6.92
N SER A 460 -2.45 19.90 -7.84
CA SER A 460 -1.35 19.01 -7.55
C SER A 460 -0.27 19.07 -8.64
N PRO A 461 0.44 20.22 -8.75
CA PRO A 461 1.44 20.41 -9.80
C PRO A 461 2.62 19.45 -9.65
N SER A 462 3.13 18.93 -10.76
CA SER A 462 4.37 18.17 -10.69
C SER A 462 5.54 19.02 -10.22
N PRO A 463 6.37 18.48 -9.32
CA PRO A 463 7.56 19.25 -8.94
C PRO A 463 8.63 19.27 -10.03
N GLU A 464 8.61 18.30 -10.95
CA GLU A 464 9.50 18.38 -12.13
C GLU A 464 8.99 19.18 -13.35
N PHE A 465 7.70 19.04 -13.70
CA PHE A 465 7.24 19.52 -15.00
C PHE A 465 6.11 20.54 -14.95
N SER A 466 6.27 21.60 -15.71
CA SER A 466 5.26 22.65 -15.71
C SER A 466 4.07 22.17 -16.50
N GLY A 467 2.88 22.43 -15.99
CA GLY A 467 1.67 22.15 -16.76
C GLY A 467 1.35 20.68 -16.76
N MET A 468 2.10 19.94 -15.92
CA MET A 468 1.87 18.49 -15.64
C MET A 468 1.46 18.23 -14.18
N PRO A 469 0.54 17.26 -13.98
CA PRO A 469 0.16 16.87 -12.62
C PRO A 469 1.22 15.96 -11.95
N ARG A 470 1.22 15.94 -10.62
CA ARG A 470 2.01 15.02 -9.83
C ARG A 470 1.50 13.56 -10.02
N ILE A 471 2.42 12.65 -10.33
CA ILE A 471 2.09 11.21 -10.30
C ILE A 471 3.23 10.60 -9.51
N SER A 472 2.91 9.87 -8.45
CA SER A 472 3.93 9.31 -7.57
C SER A 472 4.34 7.90 -7.99
N LYS A 473 5.46 7.47 -7.43
CA LYS A 473 5.89 6.09 -7.63
C LYS A 473 4.96 5.23 -6.80
N LEU A 474 4.87 3.96 -7.17
CA LEU A 474 4.14 3.00 -6.37
C LEU A 474 5.04 2.61 -5.25
N GLY A 475 4.46 2.58 -4.05
CA GLY A 475 5.21 2.03 -2.93
C GLY A 475 4.68 0.64 -2.64
N SER A 476 4.09 0.48 -1.47
CA SER A 476 3.48 -0.79 -1.13
C SER A 476 2.46 -0.58 0.01
N GLY A 477 2.11 -1.64 0.74
CA GLY A 477 0.99 -1.49 1.70
C GLY A 477 -0.37 -1.67 1.00
N ASN A 478 -0.35 -2.27 -0.20
CA ASN A 478 -1.62 -2.60 -0.89
C ASN A 478 -1.46 -3.72 -1.90
N ASP A 479 -2.58 -4.21 -2.44
CA ASP A 479 -2.55 -5.50 -3.18
C ASP A 479 -1.84 -5.50 -4.50
N PHE A 480 -1.39 -4.35 -4.99
CA PHE A 480 -0.58 -4.37 -6.22
C PHE A 480 0.85 -4.89 -5.98
N GLU A 481 1.26 -5.03 -4.72
CA GLU A 481 2.68 -5.34 -4.42
C GLU A 481 3.13 -6.59 -5.16
N VAL A 482 2.36 -7.69 -5.08
CA VAL A 482 2.88 -8.96 -5.68
C VAL A 482 2.96 -8.78 -7.19
N PHE A 483 1.96 -8.11 -7.75
CA PHE A 483 1.94 -7.97 -9.25
C PHE A 483 3.06 -7.11 -9.76
N PHE A 484 3.35 -6.02 -9.06
CA PHE A 484 4.37 -5.07 -9.54
C PHE A 484 5.78 -5.46 -9.08
N GLN A 485 5.99 -5.52 -7.77
CA GLN A 485 7.36 -5.70 -7.27
C GLN A 485 7.86 -7.16 -7.39
N ARG A 486 6.94 -8.13 -7.32
CA ARG A 486 7.39 -9.55 -7.48
C ARG A 486 7.38 -9.99 -8.91
N LEU A 487 6.24 -9.76 -9.58
CA LEU A 487 6.05 -10.30 -10.94
C LEU A 487 6.37 -9.35 -12.09
N GLY A 488 6.45 -8.05 -11.86
CA GLY A 488 6.85 -7.09 -12.91
C GLY A 488 5.74 -6.87 -13.90
N ILE A 489 4.51 -6.80 -13.40
CA ILE A 489 3.34 -6.44 -14.23
C ILE A 489 3.04 -4.95 -14.03
N ALA A 490 2.97 -4.18 -15.12
CA ALA A 490 2.69 -2.74 -15.08
C ALA A 490 1.49 -2.51 -14.18
N SER A 491 1.65 -1.65 -13.17
CA SER A 491 0.54 -1.47 -12.20
C SER A 491 0.24 0.02 -11.95
N GLY A 492 -1.00 0.28 -11.50
CA GLY A 492 -1.36 1.68 -11.12
C GLY A 492 -2.48 1.71 -10.05
N ARG A 493 -2.69 2.89 -9.47
CA ARG A 493 -3.80 3.09 -8.52
C ARG A 493 -4.18 4.57 -8.60
N ALA A 494 -5.43 4.88 -8.23
CA ALA A 494 -5.91 6.29 -8.31
C ALA A 494 -7.00 6.43 -7.25
N ARG A 495 -7.05 7.58 -6.61
CA ARG A 495 -8.14 7.84 -5.64
C ARG A 495 -8.24 9.33 -5.47
N TYR A 496 -9.31 9.80 -4.84
CA TYR A 496 -9.34 11.18 -4.43
C TYR A 496 -8.61 11.35 -3.12
N THR A 497 -7.94 12.48 -2.91
CA THR A 497 -7.06 12.66 -1.78
C THR A 497 -7.19 14.07 -1.14
N LYS A 498 -6.45 14.28 -0.04
CA LYS A 498 -6.44 15.53 0.73
C LYS A 498 -5.37 16.46 0.19
N ASN A 499 -5.31 17.68 0.70
CA ASN A 499 -4.27 18.61 0.32
C ASN A 499 -2.91 18.23 0.88
N ASN A 503 1.66 14.37 6.27
CA ASN A 503 0.53 14.11 5.38
C ASN A 503 0.39 12.61 4.96
N LYS A 504 1.05 12.29 3.85
CA LYS A 504 0.64 11.23 2.93
C LYS A 504 0.45 9.79 3.48
N PHE A 505 1.39 9.38 4.33
CA PHE A 505 1.48 7.99 4.77
C PHE A 505 0.82 7.72 6.13
N SER A 506 0.26 8.75 6.73
CA SER A 506 -0.28 8.55 8.08
C SER A 506 -1.69 7.97 8.11
N GLY A 507 -2.46 8.17 7.02
CA GLY A 507 -3.87 7.76 6.97
C GLY A 507 -4.72 8.98 7.35
N TYR A 508 -5.95 8.99 6.87
CA TYR A 508 -6.91 10.02 7.25
C TYR A 508 -7.27 9.79 8.73
N PRO A 509 -7.94 10.78 9.38
CA PRO A 509 -8.05 10.59 10.83
C PRO A 509 -8.71 9.34 11.36
N LEU A 510 -9.76 8.87 10.71
CA LEU A 510 -10.52 7.71 11.24
C LEU A 510 -10.07 6.39 10.61
N TYR A 511 -8.90 6.47 9.96
CA TYR A 511 -8.29 5.24 9.36
C TYR A 511 -8.24 4.04 10.31
N HIS A 512 -8.84 2.91 9.89
CA HIS A 512 -8.79 1.61 10.62
C HIS A 512 -9.42 1.69 12.05
N SER A 513 -10.29 2.67 12.22
CA SER A 513 -11.05 2.78 13.47
C SER A 513 -12.55 2.32 13.24
N VAL A 514 -13.27 2.05 14.34
CA VAL A 514 -14.69 1.66 14.27
C VAL A 514 -15.52 2.81 13.66
N TYR A 515 -14.97 4.05 13.61
CA TYR A 515 -15.74 5.24 13.15
C TYR A 515 -15.76 5.37 11.63
N GLU A 516 -15.01 4.50 10.92
CA GLU A 516 -15.01 4.50 9.46
C GLU A 516 -16.27 3.81 8.96
N THR A 517 -17.34 4.58 8.74
CA THR A 517 -18.66 4.05 8.48
C THR A 517 -19.22 4.63 7.20
N TYR A 518 -20.32 4.06 6.74
CA TYR A 518 -21.06 4.66 5.66
C TYR A 518 -21.40 6.15 5.92
N GLU A 519 -21.76 6.44 7.17
CA GLU A 519 -22.18 7.82 7.50
C GLU A 519 -21.01 8.77 7.40
N LEU A 520 -19.82 8.30 7.75
CA LEU A 520 -18.64 9.11 7.60
C LEU A 520 -18.54 9.60 6.17
N VAL A 521 -18.71 8.67 5.22
CA VAL A 521 -18.56 9.03 3.81
C VAL A 521 -19.70 9.93 3.29
N GLU A 522 -20.93 9.46 3.49
CA GLU A 522 -22.12 10.17 3.02
C GLU A 522 -22.26 11.56 3.63
N LYS A 523 -21.86 11.73 4.89
CA LYS A 523 -21.98 13.04 5.53
C LYS A 523 -20.81 13.99 5.28
N PHE A 524 -19.57 13.49 5.33
CA PHE A 524 -18.43 14.38 5.46
C PHE A 524 -17.47 14.30 4.31
N TYR A 525 -17.49 13.20 3.56
CA TYR A 525 -16.52 13.07 2.47
C TYR A 525 -17.10 13.35 1.09
N ASP A 526 -18.22 12.70 0.73
CA ASP A 526 -18.69 12.70 -0.65
C ASP A 526 -20.18 12.52 -0.71
N PRO A 527 -20.93 13.52 -0.17
CA PRO A 527 -22.38 13.35 -0.10
C PRO A 527 -23.07 13.04 -1.42
N MET A 528 -22.57 13.60 -2.52
CA MET A 528 -23.16 13.38 -3.82
C MET A 528 -22.52 12.17 -4.55
N PHE A 529 -21.50 11.57 -3.94
CA PHE A 529 -20.80 10.42 -4.61
C PHE A 529 -20.18 10.78 -5.94
N LYS A 530 -19.92 12.08 -6.11
CA LYS A 530 -19.30 12.54 -7.36
C LYS A 530 -17.79 12.26 -7.37
N TYR A 531 -17.15 12.26 -6.21
CA TYR A 531 -15.71 11.92 -6.21
C TYR A 531 -15.57 10.40 -6.46
N HIS A 532 -16.41 9.59 -5.83
CA HIS A 532 -16.47 8.15 -6.12
C HIS A 532 -16.71 7.92 -7.63
N LEU A 533 -17.68 8.66 -8.20
CA LEU A 533 -17.92 8.48 -9.62
C LEU A 533 -16.67 8.83 -10.44
N THR A 534 -15.96 9.89 -10.09
CA THR A 534 -14.76 10.35 -10.83
C THR A 534 -13.69 9.26 -10.74
N VAL A 535 -13.52 8.74 -9.52
CA VAL A 535 -12.59 7.58 -9.36
C VAL A 535 -13.00 6.36 -10.15
N ALA A 536 -14.30 6.05 -10.23
CA ALA A 536 -14.74 4.94 -11.05
C ALA A 536 -14.41 5.19 -12.53
N GLN A 537 -14.59 6.43 -12.98
CA GLN A 537 -14.17 6.77 -14.36
C GLN A 537 -12.69 6.63 -14.63
N VAL A 538 -11.85 6.99 -13.68
CA VAL A 538 -10.41 6.90 -13.88
C VAL A 538 -10.03 5.41 -13.86
N ARG A 539 -10.43 4.66 -12.81
CA ARG A 539 -10.00 3.24 -12.75
C ARG A 539 -10.60 2.46 -13.90
N GLY A 540 -11.90 2.65 -14.14
CA GLY A 540 -12.60 1.90 -15.16
C GLY A 540 -12.11 2.28 -16.56
N GLY A 541 -11.85 3.56 -16.74
CA GLY A 541 -11.31 4.11 -17.99
C GLY A 541 -9.95 3.51 -18.31
N MET A 542 -9.10 3.41 -17.29
CA MET A 542 -7.79 2.79 -17.50
C MET A 542 -7.94 1.35 -17.93
N VAL A 543 -8.77 0.58 -17.24
CA VAL A 543 -9.00 -0.82 -17.56
C VAL A 543 -9.52 -0.92 -18.99
N PHE A 544 -10.49 -0.05 -19.33
CA PHE A 544 -11.06 -0.08 -20.65
C PHE A 544 -9.99 0.11 -21.74
N GLU A 545 -9.17 1.13 -21.62
CA GLU A 545 -8.12 1.40 -22.64
C GLU A 545 -7.10 0.24 -22.65
N LEU A 546 -6.70 -0.23 -21.46
CA LEU A 546 -5.72 -1.35 -21.44
C LEU A 546 -6.27 -2.59 -22.09
N ALA A 547 -7.57 -2.84 -21.91
CA ALA A 547 -8.14 -4.07 -22.39
C ALA A 547 -8.60 -3.91 -23.86
N ASN A 548 -8.71 -2.67 -24.34
CA ASN A 548 -9.35 -2.49 -25.68
C ASN A 548 -8.55 -1.87 -26.79
N SER A 549 -7.53 -1.08 -26.42
CA SER A 549 -6.68 -0.39 -27.37
C SER A 549 -5.94 -1.44 -28.20
N ILE A 550 -5.87 -1.15 -29.50
CA ILE A 550 -5.21 -2.14 -30.36
C ILE A 550 -3.74 -2.23 -30.03
N VAL A 551 -3.07 -1.09 -29.92
CA VAL A 551 -1.69 -1.01 -29.44
C VAL A 551 -1.82 -0.77 -27.92
N LEU A 552 -1.12 -1.57 -27.13
CA LEU A 552 -1.14 -1.31 -25.65
C LEU A 552 -0.78 0.14 -25.36
N PRO A 553 -1.56 0.80 -24.43
CA PRO A 553 -1.35 2.22 -24.22
C PRO A 553 -0.23 2.51 -23.22
N PHE A 554 0.97 1.97 -23.51
CA PHE A 554 2.17 2.25 -22.71
C PHE A 554 3.13 3.06 -23.53
N ASP A 555 3.80 4.00 -22.89
CA ASP A 555 4.82 4.77 -23.58
C ASP A 555 6.17 4.57 -22.94
N CYS A 556 6.99 3.71 -23.58
CA CYS A 556 8.34 3.48 -23.01
C CYS A 556 9.21 4.69 -22.87
N ARG A 557 9.02 5.77 -23.66
CA ARG A 557 9.85 6.97 -23.46
C ARG A 557 9.69 7.66 -22.09
N ASP A 558 8.52 7.51 -21.49
CA ASP A 558 8.30 8.04 -20.13
C ASP A 558 9.15 7.29 -19.11
N TYR A 559 9.37 6.00 -19.33
CA TYR A 559 10.31 5.29 -18.41
C TYR A 559 11.69 5.86 -18.58
N ALA A 560 12.09 6.16 -19.83
CA ALA A 560 13.44 6.73 -20.02
C ALA A 560 13.70 8.04 -19.25
N VAL A 561 12.71 8.95 -19.27
CA VAL A 561 12.82 10.20 -18.59
C VAL A 561 12.98 9.95 -17.09
N VAL A 562 12.17 9.05 -16.54
CA VAL A 562 12.22 8.87 -15.08
C VAL A 562 13.53 8.18 -14.64
N LEU A 563 14.00 7.23 -15.47
CA LEU A 563 15.26 6.53 -15.15
C LEU A 563 16.39 7.53 -15.02
N ARG A 564 16.40 8.55 -15.86
CA ARG A 564 17.46 9.55 -15.73
C ARG A 564 17.35 10.35 -14.44
N LYS A 565 16.13 10.76 -14.07
CA LYS A 565 15.91 11.46 -12.83
C LYS A 565 16.39 10.57 -11.64
N TYR A 566 16.04 9.27 -11.64
CA TYR A 566 16.49 8.38 -10.54
C TYR A 566 17.97 8.18 -10.54
N ALA A 567 18.58 8.08 -11.73
CA ALA A 567 20.04 7.97 -11.79
C ALA A 567 20.72 9.22 -11.21
N ASP A 568 20.26 10.40 -11.64
CA ASP A 568 20.76 11.67 -11.01
C ASP A 568 20.61 11.67 -9.48
N LYS A 569 19.48 11.19 -9.00
CA LYS A 569 19.20 11.23 -7.59
C LYS A 569 20.14 10.30 -6.84
N ILE A 570 20.30 9.07 -7.33
CA ILE A 570 21.18 8.13 -6.57
C ILE A 570 22.65 8.57 -6.66
N TYR A 571 23.06 9.08 -7.84
CA TYR A 571 24.40 9.66 -7.96
C TYR A 571 24.62 10.76 -6.92
N SER A 572 23.66 11.68 -6.80
CA SER A 572 23.75 12.77 -5.83
C SER A 572 23.89 12.29 -4.39
N ILE A 573 23.21 11.19 -4.04
CA ILE A 573 23.35 10.63 -2.74
C ILE A 573 24.77 10.12 -2.53
N SER A 574 25.33 9.48 -3.54
CA SER A 574 26.66 8.89 -3.36
C SER A 574 27.70 9.99 -3.21
N MET A 575 27.46 11.07 -3.95
CA MET A 575 28.41 12.21 -4.01
C MET A 575 28.49 13.03 -2.72
N LYS A 576 27.72 12.65 -1.71
CA LYS A 576 27.91 13.16 -0.36
C LYS A 576 29.20 12.55 0.22
N HIS A 577 29.79 11.57 -0.47
CA HIS A 577 30.98 10.83 0.03
C HIS A 577 32.11 10.82 -0.99
N PRO A 578 32.55 12.03 -1.43
CA PRO A 578 33.51 12.12 -2.55
C PRO A 578 34.82 11.43 -2.26
N GLN A 579 35.31 11.51 -1.02
CA GLN A 579 36.57 10.85 -0.70
C GLN A 579 36.46 9.33 -0.87
N GLU A 580 35.35 8.76 -0.38
CA GLU A 580 35.18 7.32 -0.55
C GLU A 580 34.99 6.94 -2.02
N MET A 581 34.33 7.78 -2.80
CA MET A 581 34.17 7.42 -4.20
C MET A 581 35.52 7.42 -4.92
N LYS A 582 36.42 8.33 -4.52
CA LYS A 582 37.80 8.29 -5.03
C LYS A 582 38.57 7.04 -4.57
N THR A 583 38.54 6.74 -3.28
CA THR A 583 39.32 5.64 -2.72
C THR A 583 38.91 4.32 -3.31
N TYR A 584 37.59 4.14 -3.46
CA TYR A 584 37.09 2.83 -3.90
C TYR A 584 36.72 2.79 -5.38
N SER A 585 36.99 3.90 -6.10
CA SER A 585 36.77 3.95 -7.55
C SER A 585 35.31 3.70 -7.90
N VAL A 586 34.43 4.41 -7.22
CA VAL A 586 33.00 4.13 -7.37
C VAL A 586 32.47 4.97 -8.52
N SER A 587 32.19 4.32 -9.66
CA SER A 587 31.69 5.08 -10.83
C SER A 587 30.24 4.75 -11.12
N PHE A 588 29.46 5.79 -11.42
CA PHE A 588 28.09 5.61 -11.95
C PHE A 588 28.05 5.63 -13.47
N ASP A 589 29.23 5.64 -14.12
CA ASP A 589 29.24 5.73 -15.60
C ASP A 589 28.41 4.66 -16.28
N SER A 590 28.48 3.41 -15.79
CA SER A 590 27.74 2.32 -16.45
C SER A 590 26.23 2.56 -16.36
N LEU A 591 25.79 3.06 -15.22
CA LEU A 591 24.34 3.30 -15.08
C LEU A 591 23.83 4.42 -16.01
N PHE A 592 24.56 5.52 -16.10
CA PHE A 592 24.18 6.60 -17.01
C PHE A 592 24.24 6.13 -18.46
N SER A 593 25.24 5.32 -18.77
CA SER A 593 25.31 4.73 -20.09
C SER A 593 24.10 3.90 -20.45
N ALA A 594 23.69 3.05 -19.51
CA ALA A 594 22.52 2.22 -19.71
C ALA A 594 21.27 3.07 -19.92
N VAL A 595 21.16 4.12 -19.11
CA VAL A 595 19.97 5.00 -19.17
C VAL A 595 19.94 5.74 -20.55
N LYS A 596 21.11 6.22 -20.95
CA LYS A 596 21.26 6.82 -22.32
C LYS A 596 20.87 5.87 -23.42
N ASN A 597 21.35 4.62 -23.37
CA ASN A 597 20.97 3.61 -24.32
C ASN A 597 19.47 3.31 -24.28
N PHE A 598 18.87 3.25 -23.07
CA PHE A 598 17.47 2.96 -22.97
C PHE A 598 16.69 4.11 -23.67
N THR A 599 17.15 5.33 -23.44
CA THR A 599 16.47 6.54 -24.01
C THR A 599 16.50 6.45 -25.56
N GLU A 600 17.70 6.16 -26.11
CA GLU A 600 17.88 6.00 -27.55
C GLU A 600 17.05 4.89 -28.16
N ILE A 601 17.08 3.68 -27.57
CA ILE A 601 16.33 2.57 -28.07
C ILE A 601 14.84 2.75 -27.97
N ALA A 602 14.40 3.32 -26.84
CA ALA A 602 12.97 3.58 -26.63
C ALA A 602 12.48 4.58 -27.71
N SER A 603 13.31 5.56 -28.02
CA SER A 603 12.92 6.54 -29.08
C SER A 603 12.69 5.82 -30.42
N LYS A 604 13.61 4.95 -30.79
CA LYS A 604 13.45 4.19 -32.02
C LYS A 604 12.31 3.22 -32.02
N PHE A 605 12.07 2.57 -30.87
CA PHE A 605 10.98 1.67 -30.78
C PHE A 605 9.66 2.45 -30.99
N SER A 606 9.59 3.63 -30.38
CA SER A 606 8.37 4.46 -30.48
C SER A 606 8.11 4.82 -31.97
N GLU A 607 9.17 5.17 -32.69
CA GLU A 607 9.03 5.45 -34.15
C GLU A 607 8.47 4.23 -34.89
N ARG A 608 9.03 3.02 -34.63
CA ARG A 608 8.46 1.85 -35.29
C ARG A 608 7.03 1.57 -34.91
N LEU A 609 6.67 1.86 -33.66
CA LEU A 609 5.33 1.58 -33.19
C LEU A 609 4.35 2.53 -33.90
N GLN A 610 4.81 3.73 -34.21
CA GLN A 610 3.95 4.67 -34.90
C GLN A 610 3.89 4.35 -36.41
N ASP A 611 5.00 3.86 -36.97
CA ASP A 611 5.25 3.62 -38.41
C ASP A 611 4.98 2.23 -38.93
N PHE A 612 4.65 1.27 -38.07
CA PHE A 612 4.44 -0.07 -38.59
C PHE A 612 3.07 -0.19 -39.18
N SER A 615 -1.49 -3.12 -41.03
N SER A 615 -3.18 -4.40 -38.93
CA SER A 615 -2.32 -4.27 -41.23
CA SER A 615 -4.13 -5.44 -39.39
C SER A 615 -1.74 -5.61 -40.67
C SER A 615 -3.34 -6.73 -39.73
N ASN A 616 -0.58 -5.58 -40.05
N ASN A 616 -2.03 -6.72 -39.47
CA ASN A 616 0.09 -6.85 -39.74
CA ASN A 616 -1.22 -7.95 -39.53
C ASN A 616 -0.08 -7.25 -38.27
C ASN A 616 -1.18 -8.51 -38.09
N PRO A 617 -0.90 -8.29 -38.00
N PRO A 617 -2.02 -9.53 -37.81
CA PRO A 617 -1.22 -8.57 -36.60
CA PRO A 617 -2.16 -10.00 -36.42
C PRO A 617 -0.02 -9.16 -35.87
C PRO A 617 -0.85 -10.43 -35.75
N ILE A 618 0.89 -9.82 -36.59
N ILE A 618 0.01 -11.18 -36.44
CA ILE A 618 2.09 -10.41 -35.97
CA ILE A 618 1.27 -11.59 -35.77
C ILE A 618 3.09 -9.33 -35.49
C ILE A 618 2.23 -10.44 -35.52
N VAL A 619 3.34 -8.35 -36.34
N VAL A 619 2.35 -9.50 -36.47
CA VAL A 619 4.16 -7.20 -35.97
CA VAL A 619 3.19 -8.33 -36.25
C VAL A 619 3.50 -6.47 -34.82
C VAL A 619 2.63 -7.53 -35.08
N LEU A 620 2.19 -6.27 -34.93
N LEU A 620 1.31 -7.41 -35.03
CA LEU A 620 1.47 -5.59 -33.86
CA LEU A 620 0.74 -6.64 -33.93
C LEU A 620 1.71 -6.32 -32.54
C LEU A 620 1.05 -7.36 -32.62
N ARG A 621 1.45 -7.62 -32.53
N ARG A 621 0.93 -8.68 -32.64
CA ARG A 621 1.43 -8.36 -31.29
CA ARG A 621 1.27 -9.45 -31.44
C ARG A 621 2.83 -8.57 -30.86
C ARG A 621 2.71 -9.23 -30.91
N MET A 622 3.72 -8.96 -31.78
CA MET A 622 5.17 -8.73 -31.44
C MET A 622 5.42 -7.45 -30.72
N MET A 623 4.94 -6.31 -31.28
CA MET A 623 5.16 -5.09 -30.62
C MET A 623 4.38 -4.97 -29.27
N ASN A 624 3.17 -5.52 -29.20
CA ASN A 624 2.39 -5.46 -27.92
C ASN A 624 3.14 -6.33 -26.88
N ASP A 625 3.70 -7.44 -27.33
CA ASP A 625 4.51 -8.29 -26.40
C ASP A 625 5.72 -7.51 -25.90
N GLN A 626 6.39 -6.70 -26.75
CA GLN A 626 7.53 -5.92 -26.31
C GLN A 626 7.06 -4.89 -25.28
N LEU A 627 5.90 -4.30 -25.50
CA LEU A 627 5.35 -3.35 -24.51
C LEU A 627 4.99 -4.02 -23.18
N MET A 628 4.36 -5.20 -23.27
CA MET A 628 3.88 -5.92 -22.06
C MET A 628 5.07 -6.41 -21.27
N PHE A 629 6.06 -6.93 -21.97
CA PHE A 629 7.27 -7.48 -21.24
C PHE A 629 8.31 -6.44 -20.80
N LEU A 630 8.08 -5.16 -21.05
CA LEU A 630 9.05 -4.15 -20.70
C LEU A 630 9.10 -4.00 -19.16
N GLU A 631 7.93 -3.88 -18.51
CA GLU A 631 7.95 -3.87 -17.02
C GLU A 631 8.60 -5.17 -16.50
N ARG A 632 8.32 -6.26 -17.18
CA ARG A 632 8.82 -7.59 -16.80
C ARG A 632 10.34 -7.58 -16.84
N ALA A 633 10.94 -6.78 -17.72
CA ALA A 633 12.37 -6.85 -17.87
C ALA A 633 13.12 -6.29 -16.67
N PHE A 634 12.43 -5.48 -15.84
CA PHE A 634 13.11 -4.88 -14.65
C PHE A 634 13.19 -5.86 -13.51
N ILE A 635 12.62 -7.03 -13.69
CA ILE A 635 12.65 -8.10 -12.62
C ILE A 635 14.01 -8.79 -12.62
N ASP A 636 14.63 -8.92 -11.43
CA ASP A 636 15.85 -9.74 -11.28
C ASP A 636 15.42 -11.02 -10.53
N PRO A 637 15.63 -12.19 -11.12
CA PRO A 637 15.10 -13.42 -10.51
C PRO A 637 15.81 -13.70 -9.16
N LEU A 638 16.94 -13.03 -8.88
CA LEU A 638 17.65 -13.29 -7.60
C LEU A 638 17.10 -12.36 -6.48
N GLY A 639 16.23 -11.41 -6.84
CA GLY A 639 15.62 -10.49 -5.89
C GLY A 639 16.60 -9.47 -5.33
N LEU A 640 16.14 -8.61 -4.41
CA LEU A 640 17.04 -7.66 -3.73
C LEU A 640 17.66 -8.33 -2.48
N PRO A 641 18.82 -7.81 -2.00
CA PRO A 641 19.48 -8.43 -0.82
C PRO A 641 18.55 -8.70 0.39
N ASP A 642 18.46 -9.98 0.79
CA ASP A 642 17.65 -10.44 1.92
C ASP A 642 16.16 -10.16 1.75
N ARG A 643 15.75 -9.77 0.53
CA ARG A 643 14.31 -9.55 0.24
C ARG A 643 13.99 -10.20 -1.13
N PRO A 644 13.92 -11.53 -1.14
CA PRO A 644 13.84 -12.31 -2.39
C PRO A 644 12.55 -12.08 -3.16
N PHE A 645 11.51 -11.59 -2.50
CA PHE A 645 10.20 -11.29 -3.16
C PHE A 645 10.06 -9.86 -3.69
N TYR A 646 11.08 -9.03 -3.45
CA TYR A 646 11.12 -7.71 -4.07
C TYR A 646 12.15 -7.87 -5.18
N ARG A 647 11.66 -8.03 -6.41
CA ARG A 647 12.53 -8.43 -7.51
C ARG A 647 12.73 -7.30 -8.56
N HIS A 648 11.92 -6.24 -8.47
CA HIS A 648 12.02 -5.14 -9.44
C HIS A 648 13.25 -4.32 -9.05
N VAL A 649 14.12 -4.05 -10.02
CA VAL A 649 15.39 -3.38 -9.72
C VAL A 649 15.23 -1.87 -9.65
N ILE A 650 14.19 -1.36 -10.34
CA ILE A 650 13.98 0.09 -10.30
C ILE A 650 13.20 0.56 -9.08
N TYR A 651 12.22 -0.22 -8.62
CA TYR A 651 11.32 0.22 -7.51
C TYR A 651 11.22 -0.87 -6.45
N ALA A 652 11.33 -0.52 -5.16
CA ALA A 652 10.92 -1.47 -4.13
C ALA A 652 10.32 -0.61 -3.03
N PRO A 653 9.53 -1.22 -2.16
CA PRO A 653 9.06 -0.52 -0.94
C PRO A 653 10.29 -0.09 -0.13
N SER A 654 10.26 1.13 0.41
CA SER A 654 11.39 1.61 1.20
C SER A 654 11.66 0.67 2.39
N SER A 655 12.93 0.31 2.61
CA SER A 655 13.30 -0.56 3.76
C SER A 655 12.96 0.13 5.12
N HIS A 656 12.69 1.43 5.08
CA HIS A 656 12.38 2.22 6.32
C HIS A 656 10.90 2.56 6.40
N ASN A 657 10.17 2.28 5.31
CA ASN A 657 8.76 2.64 5.29
C ASN A 657 8.07 1.92 4.13
N LYS A 658 7.43 0.79 4.43
CA LYS A 658 6.79 -0.03 3.38
C LYS A 658 5.85 0.75 2.48
N TYR A 659 5.20 1.81 2.99
CA TYR A 659 4.25 2.53 2.13
C TYR A 659 4.90 3.30 0.99
N ALA A 660 6.16 3.73 1.22
CA ALA A 660 6.85 4.64 0.31
C ALA A 660 7.60 3.84 -0.76
N GLY A 661 7.60 4.32 -1.99
CA GLY A 661 8.51 3.64 -2.95
C GLY A 661 9.91 4.22 -2.87
N GLU A 662 10.90 3.40 -3.16
CA GLU A 662 12.30 3.83 -3.29
C GLU A 662 12.79 3.52 -4.71
N SER A 663 13.52 4.44 -5.36
CA SER A 663 14.02 4.09 -6.70
C SER A 663 15.46 3.60 -6.54
N PHE A 664 15.92 2.77 -7.48
CA PHE A 664 17.24 2.10 -7.35
C PHE A 664 17.46 1.62 -5.94
N PRO A 665 16.50 0.84 -5.41
CA PRO A 665 16.55 0.46 -4.00
C PRO A 665 17.80 -0.28 -3.63
N GLY A 666 18.37 -1.11 -4.53
CA GLY A 666 19.54 -1.92 -4.14
C GLY A 666 20.72 -0.98 -3.87
N ILE A 667 20.88 0.03 -4.75
CA ILE A 667 21.96 1.02 -4.54
C ILE A 667 21.60 1.91 -3.34
N TYR A 668 20.34 2.35 -3.24
CA TYR A 668 19.93 3.18 -2.12
C TYR A 668 20.27 2.54 -0.79
N ASP A 669 19.83 1.29 -0.60
CA ASP A 669 20.11 0.59 0.65
C ASP A 669 21.61 0.33 0.87
N ALA A 670 22.36 0.12 -0.19
CA ALA A 670 23.83 -0.07 -0.03
C ALA A 670 24.46 1.26 0.46
N LEU A 671 23.92 2.39 0.03
CA LEU A 671 24.48 3.72 0.46
C LEU A 671 23.97 4.21 1.83
N PHE A 672 22.85 3.65 2.28
CA PHE A 672 22.17 4.24 3.44
C PHE A 672 23.03 4.09 4.68
N ASP A 673 23.28 5.21 5.38
CA ASP A 673 24.08 5.16 6.65
C ASP A 673 25.48 4.53 6.46
N ILE A 674 26.04 4.64 5.25
CA ILE A 674 27.27 3.93 4.92
C ILE A 674 28.44 4.47 5.76
N GLU A 675 28.37 5.76 6.11
CA GLU A 675 29.46 6.37 6.91
C GLU A 675 29.56 5.71 8.28
N SER A 676 28.55 4.92 8.67
CA SER A 676 28.56 4.19 9.94
C SER A 676 29.05 2.77 9.87
N LYS A 677 29.32 2.26 8.68
CA LYS A 677 29.74 0.86 8.55
C LYS A 677 31.19 0.70 8.98
N VAL A 678 31.45 -0.44 9.58
CA VAL A 678 32.74 -0.70 10.20
C VAL A 678 33.83 -1.07 9.17
N ASP A 679 33.43 -1.72 8.08
CA ASP A 679 34.36 -2.09 7.00
C ASP A 679 33.96 -1.31 5.73
N PRO A 680 34.49 -0.10 5.55
CA PRO A 680 34.11 0.73 4.43
C PRO A 680 34.44 0.09 3.06
N SER A 681 35.52 -0.69 3.01
CA SER A 681 35.90 -1.34 1.76
C SER A 681 34.79 -2.26 1.28
N LYS A 682 34.33 -3.10 2.20
CA LYS A 682 33.24 -4.01 1.92
C LYS A 682 31.94 -3.27 1.57
N ALA A 683 31.60 -2.21 2.34
CA ALA A 683 30.35 -1.46 2.10
C ALA A 683 30.35 -0.80 0.72
N TRP A 684 31.48 -0.18 0.35
CA TRP A 684 31.58 0.46 -0.94
C TRP A 684 31.64 -0.57 -2.10
N GLY A 685 32.22 -1.73 -1.84
CA GLY A 685 32.20 -2.84 -2.81
C GLY A 685 30.74 -3.22 -3.12
N GLU A 686 29.90 -3.19 -2.10
CA GLU A 686 28.50 -3.60 -2.28
C GLU A 686 27.77 -2.48 -3.03
N VAL A 687 28.10 -1.21 -2.75
CA VAL A 687 27.54 -0.13 -3.58
C VAL A 687 27.90 -0.40 -5.04
N LYS A 688 29.17 -0.71 -5.33
CA LYS A 688 29.56 -0.95 -6.72
C LYS A 688 28.85 -2.16 -7.31
N ARG A 689 28.71 -3.20 -6.51
CA ARG A 689 27.93 -4.35 -6.99
C ARG A 689 26.50 -3.96 -7.42
N GLN A 690 25.84 -3.15 -6.60
CA GLN A 690 24.47 -2.75 -6.92
C GLN A 690 24.42 -1.79 -8.11
N ILE A 691 25.45 -0.96 -8.28
CA ILE A 691 25.48 -0.17 -9.52
C ILE A 691 25.54 -1.05 -10.77
N TYR A 692 26.39 -2.08 -10.75
CA TYR A 692 26.51 -3.08 -11.82
C TYR A 692 25.15 -3.76 -12.08
N VAL A 693 24.50 -4.23 -11.02
CA VAL A 693 23.21 -4.88 -11.22
C VAL A 693 22.18 -3.92 -11.87
N ALA A 694 22.13 -2.69 -11.39
CA ALA A 694 21.16 -1.69 -11.92
C ALA A 694 21.49 -1.35 -13.36
N ALA A 695 22.78 -1.08 -13.67
CA ALA A 695 23.15 -0.76 -15.08
C ALA A 695 22.83 -1.93 -16.02
N PHE A 696 23.17 -3.16 -15.58
CA PHE A 696 22.91 -4.32 -16.41
C PHE A 696 21.40 -4.44 -16.64
N THR A 697 20.59 -4.26 -15.60
CA THR A 697 19.14 -4.54 -15.75
C THR A 697 18.55 -3.48 -16.67
N VAL A 698 18.99 -2.21 -16.51
CA VAL A 698 18.47 -1.12 -17.41
C VAL A 698 18.82 -1.42 -18.85
N GLN A 699 20.09 -1.80 -19.08
CA GLN A 699 20.54 -2.17 -20.46
C GLN A 699 19.71 -3.36 -20.99
N ALA A 700 19.50 -4.39 -20.15
CA ALA A 700 18.78 -5.58 -20.59
C ALA A 700 17.35 -5.22 -20.94
N ALA A 701 16.74 -4.32 -20.14
CA ALA A 701 15.35 -3.92 -20.41
C ALA A 701 15.29 -3.17 -21.76
N ALA A 702 16.24 -2.27 -21.94
CA ALA A 702 16.35 -1.53 -23.21
C ALA A 702 16.43 -2.48 -24.37
N GLU A 703 17.28 -3.50 -24.27
CA GLU A 703 17.42 -4.47 -25.33
C GLU A 703 16.18 -5.23 -25.69
N THR A 704 15.19 -5.33 -24.78
CA THR A 704 13.94 -6.01 -25.15
C THR A 704 13.14 -5.15 -26.17
N LEU A 705 13.50 -3.88 -26.28
CA LEU A 705 12.79 -2.93 -27.22
C LEU A 705 13.53 -2.83 -28.55
N SER A 706 14.74 -3.42 -28.63
CA SER A 706 15.47 -3.43 -29.93
C SER A 706 14.70 -4.29 -30.94
N GLU A 707 15.01 -4.11 -32.24
CA GLU A 707 14.49 -5.09 -33.19
C GLU A 707 14.87 -6.53 -32.77
N VAL A 708 13.91 -7.42 -32.93
CA VAL A 708 13.93 -8.74 -32.28
C VAL A 708 14.91 -9.68 -33.01
N ALA A 709 15.21 -9.36 -34.27
CA ALA A 709 16.12 -10.20 -35.12
C ALA A 709 16.38 -9.45 -36.42
C1 NAG B . -26.95 -6.32 0.10
C2 NAG B . -27.92 -6.72 1.20
C3 NAG B . -28.38 -8.18 1.03
C4 NAG B . -28.81 -8.50 -0.39
C5 NAG B . -27.79 -7.96 -1.39
C6 NAG B . -28.28 -8.23 -2.82
C7 NAG B . -27.69 -5.52 3.25
C8 NAG B . -27.03 -5.31 4.57
N2 NAG B . -27.30 -6.56 2.50
O3 NAG B . -29.51 -8.36 1.83
O4 NAG B . -28.85 -9.92 -0.49
O5 NAG B . -27.54 -6.58 -1.17
O6 NAG B . -29.30 -7.31 -3.16
O7 NAG B . -28.55 -4.70 2.88
C1 NAG B . -30.14 -10.39 -0.97
C2 NAG B . -29.96 -11.80 -1.51
C3 NAG B . -31.31 -12.47 -1.85
C4 NAG B . -32.34 -12.32 -0.71
C5 NAG B . -32.41 -10.87 -0.22
C6 NAG B . -33.19 -10.79 1.09
C7 NAG B . -27.82 -12.17 -2.78
C8 NAG B . -27.16 -12.53 -1.51
N2 NAG B . -29.11 -11.77 -2.70
O3 NAG B . -31.06 -13.85 -2.06
O4 NAG B . -33.63 -12.82 -1.08
O5 NAG B . -31.10 -10.37 0.06
O6 NAG B . -32.51 -11.59 2.06
O7 NAG B . -27.19 -12.23 -3.86
C1 NAG C . -7.27 -2.66 35.81
C2 NAG C . -7.97 -2.24 37.12
C3 NAG C . -7.59 -3.21 38.25
C4 NAG C . -7.76 -4.68 37.83
C5 NAG C . -7.19 -4.94 36.40
C6 NAG C . -7.49 -6.35 35.89
C7 NAG C . -8.27 0.15 37.49
C8 NAG C . -7.62 1.44 37.90
N2 NAG C . -7.51 -0.93 37.51
O3 NAG C . -8.36 -2.96 39.41
O4 NAG C . -7.09 -5.47 38.79
O5 NAG C . -7.69 -3.98 35.49
O6 NAG C . -8.88 -6.58 35.82
O7 NAG C . -9.45 0.15 37.16
C1 NAG C . -7.92 -6.54 39.29
C2 NAG C . -6.97 -7.61 39.85
C3 NAG C . -7.76 -8.75 40.50
C4 NAG C . -8.86 -8.24 41.43
C5 NAG C . -9.73 -7.23 40.65
C6 NAG C . -10.91 -6.72 41.47
C7 NAG C . -4.91 -7.65 38.50
C8 NAG C . -4.22 -8.30 37.34
N2 NAG C . -6.14 -8.10 38.77
O3 NAG C . -6.91 -9.57 41.25
O4 NAG C . -9.59 -9.34 41.97
O5 NAG C . -8.90 -6.16 40.23
O6 NAG C . -10.39 -5.93 42.52
O7 NAG C . -4.32 -6.76 39.13
C1 NAG D . -2.06 10.38 -25.67
C2 NAG D . -1.57 9.09 -26.35
C3 NAG D . -0.52 9.46 -27.39
C4 NAG D . -1.04 10.54 -28.36
C5 NAG D . -1.52 11.73 -27.54
C6 NAG D . -2.11 12.88 -28.39
C7 NAG D . -1.41 6.92 -25.21
C8 NAG D . -2.58 6.53 -26.02
N2 NAG D . -0.95 8.14 -25.42
O3 NAG D . -0.21 8.28 -28.08
O4 NAG D . 0.05 10.96 -29.15
O5 NAG D . -2.57 11.21 -26.72
O6 NAG D . -3.13 12.30 -29.19
O7 NAG D . -0.85 6.09 -24.42
C1 NAG D . -0.29 10.89 -30.55
C2 NAG D . 0.86 11.59 -31.24
C3 NAG D . 0.70 11.58 -32.75
C4 NAG D . 0.43 10.15 -33.23
C5 NAG D . -0.75 9.54 -32.45
C6 NAG D . -1.05 8.11 -32.87
C7 NAG D . 1.93 13.34 -29.93
C8 NAG D . 2.92 12.36 -29.36
N2 NAG D . 0.95 12.94 -30.73
O3 NAG D . 1.88 12.12 -33.33
O4 NAG D . 0.08 10.17 -34.59
O5 NAG D . -0.42 9.57 -31.06
O6 NAG D . 0.17 7.40 -32.83
O7 NAG D . 2.07 14.52 -29.61
C1 BMA D . 1.12 9.67 -35.43
C2 BMA D . 0.45 8.91 -36.59
C3 BMA D . 1.51 8.33 -37.54
C4 BMA D . 2.45 9.45 -38.04
C5 BMA D . 2.93 10.39 -36.92
C6 BMA D . 3.37 11.70 -37.57
O2 BMA D . -0.38 9.87 -37.25
O3 BMA D . 0.92 7.59 -38.63
O4 BMA D . 3.59 8.85 -38.66
O5 BMA D . 1.91 10.74 -35.96
O6 BMA D . 4.61 12.10 -37.01
C1 NAG E . 25.35 1.43 -24.37
C2 NAG E . 26.01 0.27 -23.58
C3 NAG E . 27.46 0.13 -24.08
C4 NAG E . 27.51 -0.12 -25.61
C5 NAG E . 26.64 0.90 -26.32
C6 NAG E . 26.51 0.47 -27.80
C7 NAG E . 25.75 -0.53 -21.28
C8 NAG E . 25.71 -0.09 -19.84
N2 NAG E . 25.98 0.47 -22.15
O3 NAG E . 28.10 -0.93 -23.40
O4 NAG E . 28.80 0.08 -26.17
O5 NAG E . 25.36 0.96 -25.73
O6 NAG E . 26.13 1.60 -28.57
O7 NAG E . 25.56 -1.71 -21.67
C1 NAG E . 29.67 -1.03 -25.94
C2 NAG E . 30.48 -1.34 -27.20
C3 NAG E . 31.56 -2.38 -26.91
C4 NAG E . 32.38 -1.96 -25.69
C5 NAG E . 31.37 -1.80 -24.53
C6 NAG E . 32.00 -1.60 -23.17
C7 NAG E . 29.27 -1.12 -29.37
C8 NAG E . 29.88 0.24 -29.59
N2 NAG E . 29.63 -1.82 -28.26
O3 NAG E . 32.40 -2.49 -28.06
O4 NAG E . 33.26 -2.97 -25.28
O5 NAG E . 30.52 -0.73 -24.87
O6 NAG E . 32.67 -0.37 -23.23
O7 NAG E . 28.47 -1.55 -30.21
C1 BMA E . 34.53 -2.88 -25.94
C2 BMA E . 35.62 -3.31 -24.96
C3 BMA E . 36.95 -3.40 -25.68
C4 BMA E . 36.82 -4.33 -26.86
C5 BMA E . 35.71 -3.82 -27.77
C6 BMA E . 35.51 -4.74 -28.96
O2 BMA E . 35.29 -4.58 -24.38
O3 BMA E . 37.87 -3.94 -24.75
O4 BMA E . 38.06 -4.40 -27.56
O5 BMA E . 34.50 -3.80 -27.00
O6 BMA E . 34.29 -4.36 -29.58
C1 MAN E . 39.10 -3.18 -24.71
C2 MAN E . 40.11 -4.12 -24.03
C3 MAN E . 39.84 -4.22 -22.53
C4 MAN E . 39.61 -2.86 -21.88
C5 MAN E . 38.58 -2.06 -22.68
C6 MAN E . 38.26 -0.70 -22.05
O2 MAN E . 41.40 -3.64 -24.30
O3 MAN E . 40.87 -4.86 -21.84
O4 MAN E . 39.12 -3.06 -20.56
O5 MAN E . 39.01 -1.93 -24.01
O6 MAN E . 39.40 0.12 -22.08
C1 NAG F . -8.57 -17.35 25.68
C2 NAG F . -7.88 -18.65 25.33
C3 NAG F . -8.40 -19.84 26.16
C4 NAG F . -8.58 -19.51 27.64
C5 NAG F . -8.85 -18.03 28.00
C6 NAG F . -8.04 -17.78 29.28
C7 NAG F . -7.09 -19.09 23.09
C8 NAG F . -5.69 -19.10 23.65
N2 NAG F . -8.12 -18.92 23.93
O3 NAG F . -7.41 -20.83 26.06
O4 NAG F . -9.58 -20.34 28.25
O5 NAG F . -8.40 -17.07 27.05
O6 NAG F . -6.68 -18.19 29.06
O7 NAG F . -7.27 -19.21 21.89
C1 NAG G . 21.89 -0.87 26.42
C2 NAG G . 23.34 -1.18 26.12
C3 NAG G . 23.53 -2.69 26.11
C4 NAG G . 23.12 -3.25 27.48
C5 NAG G . 21.66 -2.87 27.74
C6 NAG G . 21.01 -3.45 29.01
C7 NAG G . 24.45 0.57 24.81
C8 NAG G . 24.74 1.13 23.44
N2 NAG G . 23.80 -0.60 24.86
O3 NAG G . 24.88 -2.95 25.80
O4 NAG G . 23.24 -4.65 27.53
O5 NAG G . 21.53 -1.45 27.68
O6 NAG G . 21.88 -3.73 30.08
O7 NAG G . 24.82 1.21 25.81
C1 NAG H . -14.51 18.48 1.79
C2 NAG H . -13.71 18.29 3.09
C3 NAG H . -13.91 19.51 4.01
C4 NAG H . -13.39 20.77 3.30
C5 NAG H . -14.28 20.91 2.06
C6 NAG H . -14.05 22.22 1.30
C7 NAG H . -13.02 16.23 4.02
C8 NAG H . -13.28 14.94 4.73
N2 NAG H . -14.04 17.01 3.72
O3 NAG H . -13.26 19.35 5.24
O4 NAG H . -13.36 21.94 4.12
O5 NAG H . -14.17 19.75 1.21
O6 NAG H . -12.68 22.43 1.01
O7 NAG H . -11.87 16.54 3.78
ZN ZN I . -6.55 -0.91 5.53
ZN ZN J . -7.50 -1.26 2.41
CA CA K . 2.23 -18.56 0.16
CL CL L . -5.85 1.94 -4.18
O3 MUD M . 1.31 -4.38 3.60
C2 MUD M . 0.36 -4.46 4.42
O1 MUD M . 0.28 -5.37 5.26
C4 MUD M . -0.70 -3.36 4.35
C5 MUD M . -2.04 -3.65 5.06
C6 MUD M . -2.91 -2.37 5.25
C7 MUD M . -2.14 -1.55 6.32
O8 MUD M . -2.23 -1.83 7.57
O9 MUD M . -1.39 -0.58 5.97
N10 MUD M . -2.85 -1.52 4.07
C11 MUD M . -3.37 -0.28 4.15
O20 MUD M . -4.01 0.01 5.17
N12 MUD M . -3.14 0.58 3.16
C13 MUD M . -3.72 1.90 3.07
C17 MUD M . -3.91 2.26 1.61
O18 MUD M . -4.98 2.82 1.28
O19 MUD M . -3.01 1.93 0.80
C14 MUD M . -2.55 2.76 3.60
S15 MUD M . -2.96 4.49 3.50
C16 MUD M . -1.93 4.80 4.91
#